data_5TCY
#
_entry.id   5TCY
#
_cell.length_a   58.696
_cell.length_b   62.881
_cell.length_c   69.867
_cell.angle_alpha   82.09
_cell.angle_beta   74.67
_cell.angle_gamma   77.60
#
_symmetry.space_group_name_H-M   'P 1'
#
loop_
_entity.id
_entity.type
_entity.pdbx_description
1 polymer 'Enterochelin uptake periplasmic binding protein'
2 non-polymer 'FE (III) ION'
3 non-polymer "N,N'-pentane-1,5-diylbis(2,3-dihydroxybenzamide)"
4 water water
#
_entity_poly.entity_id   1
_entity_poly.type   'polypeptide(L)'
_entity_poly.pdbx_seq_one_letter_code
;GPAMLPISMSDEGDSFLVKDSLGENKIPKNPSKVVILDLGILDTFDALKLNDKVVGVPAKNLPKYLQQFKNKPSVGGVQQ
VDFEAINALKPDLIIISGRQSKFYDKLKEIAPTLFVGLDNANFLSSFENNVLSVAKLYGLEKEALEKISDIKNEIEKAKS
IVDEDKKALIILTNSNKISAFGPQSRFGIIHDVLGINAVDENIKVGTLGKSINSEFILEKNPDYIFVVDRNVILGNKERA
QGILDNALVAKTKAAQNKKIIYLDPEYWYLASGNGLESLKTMILEIKNAVK
;
_entity_poly.pdbx_strand_id   A,B,C
#
loop_
_chem_comp.id
_chem_comp.type
_chem_comp.name
_chem_comp.formula
5LC non-polymer N,N'-pentane-1,5-diylbis(2,3-dihydroxybenzamide) 'C19 H22 N2 O6'
FE non-polymer 'FE (III) ION' 'Fe 3'
#
# COMPACT_ATOMS: atom_id res chain seq x y z
N ALA A 3 -37.30 10.95 -22.09
CA ALA A 3 -36.45 11.46 -20.95
C ALA A 3 -37.12 11.11 -19.64
N MET A 4 -36.36 10.55 -18.69
CA MET A 4 -36.87 10.34 -17.32
C MET A 4 -37.30 11.72 -16.75
N LEU A 5 -38.41 11.77 -16.02
CA LEU A 5 -38.86 13.03 -15.36
C LEU A 5 -37.85 13.56 -14.29
N PRO A 6 -37.50 14.87 -14.33
CA PRO A 6 -36.64 15.36 -13.26
C PRO A 6 -37.32 15.46 -11.87
N ILE A 7 -36.51 15.56 -10.81
CA ILE A 7 -36.99 15.92 -9.49
C ILE A 7 -37.35 17.38 -9.57
N SER A 8 -38.43 17.74 -8.93
CA SER A 8 -38.95 19.07 -8.85
C SER A 8 -39.36 19.30 -7.43
N MET A 9 -39.14 20.48 -6.91
CA MET A 9 -39.38 20.79 -5.47
C MET A 9 -40.06 22.14 -5.29
N SER A 10 -41.04 22.22 -4.39
CA SER A 10 -41.51 23.57 -4.01
C SER A 10 -41.49 23.73 -2.53
N ASP A 11 -41.10 24.92 -2.09
CA ASP A 11 -41.02 25.28 -0.68
C ASP A 11 -42.41 25.30 0.02
N GLU A 12 -42.48 24.84 1.26
CA GLU A 12 -43.71 24.83 2.06
C GLU A 12 -43.38 25.13 3.55
N GLY A 13 -42.50 26.11 3.78
CA GLY A 13 -41.99 26.40 5.12
C GLY A 13 -41.01 25.37 5.70
N ASP A 14 -41.49 24.49 6.57
CA ASP A 14 -40.67 23.47 7.26
C ASP A 14 -40.18 22.32 6.31
N SER A 15 -40.66 22.31 5.08
CA SER A 15 -40.50 21.17 4.20
C SER A 15 -40.61 21.60 2.71
N PHE A 16 -40.35 20.63 1.84
CA PHE A 16 -40.49 20.73 0.41
C PHE A 16 -41.50 19.66 -0.03
N LEU A 17 -42.31 19.99 -1.02
CA LEU A 17 -43.10 18.97 -1.67
C LEU A 17 -42.25 18.58 -2.89
N VAL A 18 -41.95 17.30 -3.02
CA VAL A 18 -41.01 16.85 -4.04
C VAL A 18 -41.71 15.90 -4.93
N LYS A 19 -41.48 16.03 -6.21
CA LYS A 19 -42.01 15.10 -7.13
C LYS A 19 -40.86 14.60 -7.98
N ASP A 20 -40.87 13.31 -8.25
CA ASP A 20 -39.86 12.67 -9.10
C ASP A 20 -40.51 11.63 -9.95
N SER A 21 -39.75 10.88 -10.72
CA SER A 21 -40.38 9.95 -11.66
C SER A 21 -41.16 8.82 -10.98
N LEU A 22 -40.93 8.55 -9.68
CA LEU A 22 -41.69 7.48 -8.98
C LEU A 22 -42.85 7.97 -8.15
N GLY A 23 -42.90 9.24 -7.83
CA GLY A 23 -43.97 9.66 -6.93
C GLY A 23 -43.77 11.02 -6.35
N GLU A 24 -44.64 11.35 -5.39
CA GLU A 24 -44.63 12.61 -4.67
C GLU A 24 -44.36 12.36 -3.19
N ASN A 25 -43.66 13.29 -2.54
CA ASN A 25 -43.25 13.13 -1.14
C ASN A 25 -43.15 14.49 -0.52
N LYS A 26 -43.58 14.58 0.72
CA LYS A 26 -43.34 15.72 1.52
C LYS A 26 -42.03 15.44 2.26
N ILE A 27 -40.96 16.23 2.02
CA ILE A 27 -39.64 15.97 2.65
C ILE A 27 -39.30 17.11 3.59
N PRO A 28 -38.94 16.82 4.86
CA PRO A 28 -38.59 17.94 5.76
C PRO A 28 -37.28 18.54 5.39
N LYS A 29 -37.14 19.85 5.64
CA LYS A 29 -35.87 20.54 5.40
C LYS A 29 -34.86 20.02 6.36
N ASN A 30 -33.57 20.00 5.98
CA ASN A 30 -32.52 19.51 6.87
C ASN A 30 -32.80 18.11 7.47
N PRO A 31 -33.21 17.13 6.66
CA PRO A 31 -33.35 15.77 7.26
C PRO A 31 -32.11 15.28 8.01
N SER A 32 -32.32 14.66 9.16
CA SER A 32 -31.23 14.31 10.06
C SER A 32 -31.03 12.80 10.22
N LYS A 33 -31.88 11.98 9.63
CA LYS A 33 -31.73 10.53 9.67
C LYS A 33 -32.00 9.99 8.29
N VAL A 34 -30.98 9.96 7.45
CA VAL A 34 -31.16 9.62 6.08
C VAL A 34 -30.60 8.21 5.84
N VAL A 35 -31.38 7.36 5.22
CA VAL A 35 -30.88 6.07 4.76
C VAL A 35 -30.60 6.23 3.29
N ILE A 36 -29.39 5.86 2.86
CA ILE A 36 -28.93 6.06 1.52
C ILE A 36 -28.62 4.73 0.83
N LEU A 37 -29.32 4.39 -0.26
CA LEU A 37 -29.11 3.13 -1.00
C LEU A 37 -28.42 3.35 -2.35
N ASP A 38 -28.28 4.60 -2.78
CA ASP A 38 -27.51 4.98 -3.96
C ASP A 38 -26.09 5.41 -3.53
N LEU A 39 -25.03 4.74 -4.04
CA LEU A 39 -23.67 4.93 -3.53
C LEU A 39 -23.09 6.24 -3.98
N GLY A 40 -23.46 6.68 -5.19
CA GLY A 40 -23.08 7.98 -5.65
C GLY A 40 -23.56 9.10 -4.77
N ILE A 41 -24.82 9.04 -4.40
CA ILE A 41 -25.35 10.12 -3.57
C ILE A 41 -24.68 10.10 -2.21
N LEU A 42 -24.33 8.92 -1.74
CA LEU A 42 -23.66 8.78 -0.44
C LEU A 42 -22.34 9.52 -0.54
N ASP A 43 -21.64 9.34 -1.66
CA ASP A 43 -20.38 10.14 -1.86
C ASP A 43 -20.61 11.68 -1.91
N THR A 44 -21.72 12.13 -2.47
CA THR A 44 -22.12 13.54 -2.50
C THR A 44 -22.47 14.07 -1.10
N PHE A 45 -23.04 13.22 -0.25
CA PHE A 45 -23.22 13.63 1.16
C PHE A 45 -21.87 13.92 1.80
N ASP A 46 -20.91 13.04 1.57
CA ASP A 46 -19.58 13.31 2.02
C ASP A 46 -19.01 14.67 1.48
N ALA A 47 -19.12 14.87 0.19
CA ALA A 47 -18.56 16.02 -0.45
C ALA A 47 -19.19 17.33 0.09
N LEU A 48 -20.45 17.28 0.49
CA LEU A 48 -21.18 18.41 1.08
C LEU A 48 -21.13 18.51 2.59
N LYS A 49 -20.32 17.66 3.22
CA LYS A 49 -20.13 17.67 4.69
C LYS A 49 -21.40 17.30 5.44
N LEU A 50 -22.17 16.40 4.86
CA LEU A 50 -23.42 15.89 5.43
C LEU A 50 -23.31 14.45 6.04
N ASN A 51 -22.11 13.95 6.34
CA ASN A 51 -21.85 12.60 6.87
C ASN A 51 -22.70 12.29 8.11
N ASP A 52 -22.83 13.28 9.01
CA ASP A 52 -23.61 13.09 10.23
C ASP A 52 -25.13 13.00 10.00
N LYS A 53 -25.61 13.34 8.83
CA LYS A 53 -27.03 13.10 8.48
C LYS A 53 -27.38 11.62 8.15
N VAL A 54 -26.41 10.87 7.72
CA VAL A 54 -26.62 9.53 7.26
C VAL A 54 -26.72 8.54 8.44
N VAL A 55 -27.77 7.77 8.45
CA VAL A 55 -27.98 6.75 9.49
C VAL A 55 -27.99 5.32 8.96
N GLY A 56 -28.04 5.14 7.65
CA GLY A 56 -28.00 3.77 7.12
C GLY A 56 -27.38 3.73 5.78
N VAL A 57 -26.61 2.70 5.56
CA VAL A 57 -25.94 2.52 4.26
C VAL A 57 -25.91 1.04 3.89
N PRO A 58 -25.77 0.74 2.60
CA PRO A 58 -25.66 -0.66 2.18
C PRO A 58 -24.27 -1.22 2.37
N ALA A 59 -23.94 -1.58 3.61
CA ALA A 59 -22.59 -2.03 3.95
C ALA A 59 -22.13 -3.26 3.22
N LYS A 60 -23.04 -4.12 2.77
CA LYS A 60 -22.60 -5.27 1.93
C LYS A 60 -22.00 -4.90 0.56
N ASN A 61 -22.28 -3.70 0.05
CA ASN A 61 -21.65 -3.29 -1.22
C ASN A 61 -20.83 -2.03 -1.08
N LEU A 62 -20.38 -1.71 0.14
CA LEU A 62 -19.66 -0.45 0.37
C LEU A 62 -18.26 -0.53 -0.26
N PRO A 63 -17.99 0.30 -1.25
CA PRO A 63 -16.69 0.26 -1.88
C PRO A 63 -15.53 0.91 -1.11
N LYS A 64 -14.34 0.72 -1.64
CA LYS A 64 -13.10 1.13 -1.03
C LYS A 64 -13.08 2.62 -0.80
N TYR A 65 -13.71 3.42 -1.67
CA TYR A 65 -13.65 4.94 -1.54
C TYR A 65 -14.74 5.53 -0.64
N LEU A 66 -15.53 4.66 -0.02
CA LEU A 66 -16.62 5.02 0.85
C LEU A 66 -16.48 4.41 2.26
N GLN A 67 -15.24 4.16 2.66
CA GLN A 67 -14.97 3.51 3.96
C GLN A 67 -15.10 4.39 5.19
N GLN A 68 -15.21 5.71 5.01
CA GLN A 68 -15.67 6.57 6.10
C GLN A 68 -17.10 6.24 6.58
N PHE A 69 -17.88 5.48 5.81
CA PHE A 69 -19.22 5.08 6.23
C PHE A 69 -19.29 3.62 6.71
N LYS A 70 -18.15 2.97 7.00
CA LYS A 70 -18.17 1.55 7.32
C LYS A 70 -18.75 1.25 8.70
N ASN A 71 -18.87 2.21 9.57
CA ASN A 71 -19.46 1.89 10.86
C ASN A 71 -20.90 2.39 10.98
N LYS A 72 -21.50 2.91 9.89
CA LYS A 72 -22.92 3.32 9.90
C LYS A 72 -23.73 2.12 9.99
N PRO A 73 -24.94 2.23 10.52
CA PRO A 73 -25.79 1.00 10.55
C PRO A 73 -26.04 0.46 9.13
N SER A 74 -25.98 -0.85 8.97
CA SER A 74 -26.17 -1.48 7.73
C SER A 74 -27.63 -1.70 7.42
N VAL A 75 -28.05 -1.35 6.19
CA VAL A 75 -29.41 -1.67 5.67
C VAL A 75 -29.29 -2.63 4.50
N GLY A 76 -28.20 -3.38 4.49
CA GLY A 76 -28.00 -4.55 3.66
C GLY A 76 -27.09 -4.25 2.49
N GLY A 77 -27.59 -4.53 1.29
CA GLY A 77 -26.86 -4.27 0.05
C GLY A 77 -27.74 -3.53 -0.94
N VAL A 78 -27.12 -3.06 -2.04
CA VAL A 78 -27.86 -2.38 -3.13
C VAL A 78 -28.99 -3.19 -3.75
N GLN A 79 -28.91 -4.52 -3.66
CA GLN A 79 -29.93 -5.43 -4.18
C GLN A 79 -30.76 -6.09 -3.01
N GLN A 80 -30.09 -6.41 -1.89
CA GLN A 80 -30.67 -7.13 -0.75
C GLN A 80 -30.93 -6.06 0.35
N VAL A 81 -32.06 -5.37 0.20
CA VAL A 81 -32.41 -4.31 1.09
C VAL A 81 -33.06 -4.96 2.30
N ASP A 82 -32.56 -4.61 3.48
CA ASP A 82 -33.04 -5.11 4.75
C ASP A 82 -34.10 -4.15 5.38
N PHE A 83 -35.38 -4.44 5.08
CA PHE A 83 -36.44 -3.63 5.45
C PHE A 83 -36.63 -3.49 6.94
N GLU A 84 -36.35 -4.55 7.65
CA GLU A 84 -36.50 -4.54 9.11
C GLU A 84 -35.46 -3.57 9.71
N ALA A 85 -34.24 -3.61 9.18
CA ALA A 85 -33.21 -2.69 9.64
C ALA A 85 -33.58 -1.26 9.39
N ILE A 86 -34.10 -0.98 8.19
CA ILE A 86 -34.50 0.36 7.84
C ILE A 86 -35.60 0.88 8.74
N ASN A 87 -36.61 0.08 9.00
N ASN A 87 -36.63 0.06 8.95
CA ASN A 87 -37.70 0.54 9.81
CA ASN A 87 -37.73 0.36 9.83
C ASN A 87 -37.30 0.70 11.28
C ASN A 87 -37.21 0.74 11.21
N ALA A 88 -36.39 -0.13 11.78
CA ALA A 88 -35.80 0.07 13.14
C ALA A 88 -34.99 1.39 13.32
N LEU A 89 -34.37 1.88 12.25
CA LEU A 89 -33.69 3.17 12.29
C LEU A 89 -34.61 4.36 12.43
N LYS A 90 -35.86 4.17 12.03
CA LYS A 90 -36.85 5.25 11.91
C LYS A 90 -36.36 6.49 11.15
N PRO A 91 -36.00 6.30 9.87
CA PRO A 91 -35.42 7.44 9.13
C PRO A 91 -36.42 8.53 8.79
N ASP A 92 -35.96 9.73 8.49
CA ASP A 92 -36.89 10.74 7.98
C ASP A 92 -36.81 10.83 6.46
N LEU A 93 -35.81 10.19 5.86
CA LEU A 93 -35.72 10.19 4.40
C LEU A 93 -34.96 8.94 3.98
N ILE A 94 -35.40 8.35 2.87
CA ILE A 94 -34.73 7.26 2.23
C ILE A 94 -34.44 7.67 0.80
N ILE A 95 -33.19 7.56 0.41
CA ILE A 95 -32.74 7.90 -0.93
C ILE A 95 -32.33 6.64 -1.72
N ILE A 96 -33.03 6.44 -2.86
CA ILE A 96 -32.82 5.33 -3.78
C ILE A 96 -32.48 5.66 -5.22
N SER A 97 -31.90 4.71 -5.91
CA SER A 97 -31.85 4.80 -7.38
C SER A 97 -32.45 3.54 -8.00
N GLY A 98 -32.09 3.24 -9.25
CA GLY A 98 -32.91 2.35 -10.06
C GLY A 98 -32.92 0.92 -9.53
N ARG A 99 -31.86 0.48 -8.82
CA ARG A 99 -31.86 -0.86 -8.22
C ARG A 99 -32.96 -1.10 -7.25
N GLN A 100 -33.43 -0.05 -6.57
CA GLN A 100 -34.44 -0.18 -5.55
C GLN A 100 -35.79 0.37 -5.92
N SER A 101 -35.99 0.83 -7.16
CA SER A 101 -37.35 1.24 -7.54
C SER A 101 -38.40 0.11 -7.37
N LYS A 102 -38.01 -1.13 -7.62
CA LYS A 102 -38.92 -2.27 -7.35
C LYS A 102 -39.39 -2.36 -5.89
N PHE A 103 -38.72 -1.66 -4.94
CA PHE A 103 -39.13 -1.67 -3.52
C PHE A 103 -39.84 -0.39 -3.06
N TYR A 104 -40.25 0.44 -3.97
CA TYR A 104 -40.58 1.83 -3.68
C TYR A 104 -41.79 1.97 -2.71
N ASP A 105 -42.87 1.25 -3.05
CA ASP A 105 -44.03 1.16 -2.17
C ASP A 105 -43.73 0.73 -0.73
N LYS A 106 -42.90 -0.27 -0.59
CA LYS A 106 -42.56 -0.79 0.72
C LYS A 106 -41.71 0.24 1.43
N LEU A 107 -40.80 0.93 0.71
CA LEU A 107 -39.92 1.93 1.36
C LEU A 107 -40.73 3.19 1.77
N LYS A 108 -41.64 3.59 0.91
CA LYS A 108 -42.50 4.72 1.17
C LYS A 108 -43.46 4.55 2.36
N GLU A 109 -43.83 3.32 2.70
CA GLU A 109 -44.52 3.11 3.96
C GLU A 109 -43.63 3.44 5.16
N ILE A 110 -42.29 3.34 5.03
CA ILE A 110 -41.42 3.64 6.19
C ILE A 110 -41.17 5.10 6.35
N ALA A 111 -40.84 5.75 5.24
CA ALA A 111 -40.47 7.16 5.20
C ALA A 111 -40.57 7.72 3.78
N PRO A 112 -40.60 9.07 3.61
CA PRO A 112 -40.52 9.70 2.30
C PRO A 112 -39.29 9.17 1.56
N THR A 113 -39.46 8.86 0.31
CA THR A 113 -38.48 8.14 -0.43
C THR A 113 -38.24 8.93 -1.71
N LEU A 114 -37.01 9.43 -1.86
CA LEU A 114 -36.59 10.20 -3.00
C LEU A 114 -35.82 9.37 -4.01
N PHE A 115 -36.23 9.47 -5.29
CA PHE A 115 -35.56 8.78 -6.34
C PHE A 115 -34.54 9.71 -7.06
N VAL A 116 -33.27 9.28 -7.12
CA VAL A 116 -32.17 10.02 -7.71
C VAL A 116 -31.58 9.22 -8.84
N GLY A 117 -32.44 8.72 -9.70
CA GLY A 117 -32.01 7.99 -10.88
C GLY A 117 -31.22 8.90 -11.79
N LEU A 118 -30.17 8.32 -12.38
CA LEU A 118 -29.45 8.91 -13.50
C LEU A 118 -30.16 8.45 -14.75
N ASP A 119 -30.48 9.39 -15.62
CA ASP A 119 -30.98 9.08 -16.93
C ASP A 119 -29.84 8.73 -17.93
N ASN A 120 -29.83 7.49 -18.39
CA ASN A 120 -28.78 7.07 -19.35
C ASN A 120 -28.79 7.90 -20.67
N ALA A 121 -29.91 8.52 -21.04
CA ALA A 121 -29.95 9.33 -22.27
C ALA A 121 -29.71 10.78 -22.04
N ASN A 122 -29.69 11.24 -20.77
CA ASN A 122 -29.52 12.66 -20.37
C ASN A 122 -28.69 12.76 -19.08
N PHE A 123 -27.49 12.19 -19.11
CA PHE A 123 -26.70 11.99 -17.91
C PHE A 123 -26.41 13.25 -17.10
N LEU A 124 -25.84 14.22 -17.75
CA LEU A 124 -25.30 15.40 -17.09
C LEU A 124 -26.38 16.28 -16.52
N SER A 125 -27.44 16.42 -17.28
CA SER A 125 -28.66 17.06 -16.76
C SER A 125 -29.28 16.34 -15.52
N SER A 126 -29.38 14.99 -15.56
CA SER A 126 -29.84 14.21 -14.40
C SER A 126 -28.98 14.35 -13.17
N PHE A 127 -27.70 14.22 -13.40
CA PHE A 127 -26.66 14.36 -12.38
C PHE A 127 -26.83 15.67 -11.61
N GLU A 128 -26.83 16.79 -12.36
CA GLU A 128 -26.98 18.08 -11.78
C GLU A 128 -28.30 18.21 -10.99
N ASN A 129 -29.40 17.77 -11.57
CA ASN A 129 -30.66 17.80 -10.87
C ASN A 129 -30.65 16.94 -9.59
N ASN A 130 -29.94 15.81 -9.55
CA ASN A 130 -29.97 14.92 -8.35
C ASN A 130 -29.17 15.61 -7.26
N VAL A 131 -27.99 16.09 -7.62
CA VAL A 131 -27.11 16.77 -6.68
C VAL A 131 -27.73 18.07 -6.15
N LEU A 132 -28.35 18.86 -7.04
CA LEU A 132 -28.89 20.15 -6.60
C LEU A 132 -30.12 19.98 -5.75
N SER A 133 -30.96 18.99 -6.08
CA SER A 133 -32.10 18.68 -5.26
C SER A 133 -31.72 18.28 -3.87
N VAL A 134 -30.70 17.43 -3.73
CA VAL A 134 -30.22 17.03 -2.38
C VAL A 134 -29.67 18.23 -1.66
N ALA A 135 -28.86 19.01 -2.36
CA ALA A 135 -28.29 20.22 -1.76
C ALA A 135 -29.34 21.24 -1.29
N LYS A 136 -30.43 21.36 -2.00
CA LYS A 136 -31.49 22.26 -1.65
C LYS A 136 -32.14 21.89 -0.35
N LEU A 137 -32.23 20.59 -0.08
CA LEU A 137 -32.79 20.12 1.20
C LEU A 137 -32.06 20.69 2.39
N TYR A 138 -30.75 20.94 2.25
CA TYR A 138 -29.90 21.42 3.30
C TYR A 138 -29.44 22.89 3.14
N GLY A 139 -29.97 23.59 2.17
CA GLY A 139 -29.52 24.97 1.85
C GLY A 139 -28.11 25.08 1.29
N LEU A 140 -27.64 24.07 0.53
CA LEU A 140 -26.25 24.00 0.08
C LEU A 140 -26.07 24.12 -1.43
N GLU A 141 -27.05 24.70 -2.08
CA GLU A 141 -26.99 24.90 -3.52
C GLU A 141 -25.69 25.55 -3.98
N LYS A 142 -25.28 26.58 -3.27
CA LYS A 142 -24.06 27.31 -3.62
C LYS A 142 -22.84 26.40 -3.68
N GLU A 143 -22.62 25.66 -2.60
CA GLU A 143 -21.50 24.71 -2.50
C GLU A 143 -21.60 23.66 -3.63
N ALA A 144 -22.80 23.15 -3.87
CA ALA A 144 -23.03 22.11 -4.87
C ALA A 144 -22.72 22.64 -6.30
N LEU A 145 -23.15 23.87 -6.59
CA LEU A 145 -22.88 24.53 -7.90
C LEU A 145 -21.43 24.65 -8.17
N GLU A 146 -20.68 25.00 -7.15
CA GLU A 146 -19.26 25.09 -7.30
C GLU A 146 -18.59 23.75 -7.62
N LYS A 147 -19.04 22.67 -6.99
CA LYS A 147 -18.49 21.34 -7.28
C LYS A 147 -18.96 20.76 -8.61
N ILE A 148 -20.17 21.09 -9.01
CA ILE A 148 -20.62 20.76 -10.36
C ILE A 148 -19.76 21.46 -11.43
N SER A 149 -19.46 22.73 -11.17
CA SER A 149 -18.56 23.49 -12.07
C SER A 149 -17.18 22.84 -12.16
N ASP A 150 -16.62 22.35 -11.04
CA ASP A 150 -15.40 21.52 -11.08
C ASP A 150 -15.56 20.27 -11.98
N ILE A 151 -16.66 19.51 -11.87
CA ILE A 151 -16.81 18.30 -12.70
C ILE A 151 -16.82 18.72 -14.19
N LYS A 152 -17.55 19.76 -14.47
CA LYS A 152 -17.65 20.27 -15.89
C LYS A 152 -16.30 20.67 -16.44
N ASN A 153 -15.45 21.27 -15.63
CA ASN A 153 -14.09 21.59 -16.05
C ASN A 153 -13.25 20.36 -16.29
N GLU A 154 -13.43 19.33 -15.45
CA GLU A 154 -12.76 18.03 -15.65
C GLU A 154 -13.20 17.36 -16.92
N ILE A 155 -14.48 17.41 -17.23
CA ILE A 155 -14.99 16.86 -18.48
C ILE A 155 -14.39 17.58 -19.69
N GLU A 156 -14.32 18.89 -19.64
CA GLU A 156 -13.67 19.67 -20.74
C GLU A 156 -12.22 19.29 -20.89
N LYS A 157 -11.48 19.10 -19.79
CA LYS A 157 -10.10 18.63 -19.91
C LYS A 157 -10.05 17.27 -20.55
N ALA A 158 -10.91 16.35 -20.14
CA ALA A 158 -10.93 14.99 -20.72
C ALA A 158 -11.29 14.97 -22.24
N LYS A 159 -12.37 15.64 -22.59
CA LYS A 159 -12.79 15.77 -23.99
C LYS A 159 -11.69 16.32 -24.90
N SER A 160 -10.93 17.26 -24.40
CA SER A 160 -9.98 17.94 -25.24
C SER A 160 -8.77 17.08 -25.65
N ILE A 161 -8.55 15.91 -25.03
CA ILE A 161 -7.42 15.07 -25.41
C ILE A 161 -7.86 13.89 -26.24
N VAL A 162 -9.14 13.77 -26.58
CA VAL A 162 -9.65 12.58 -27.21
C VAL A 162 -9.32 12.62 -28.71
N ASP A 163 -8.87 11.47 -29.21
CA ASP A 163 -8.46 11.28 -30.60
C ASP A 163 -9.71 10.95 -31.42
N GLU A 164 -10.18 11.94 -32.20
CA GLU A 164 -11.40 11.84 -33.03
C GLU A 164 -11.36 10.67 -34.02
N ASP A 165 -10.17 10.24 -34.42
CA ASP A 165 -10.05 9.10 -35.34
C ASP A 165 -10.46 7.81 -34.63
N LYS A 166 -10.02 7.64 -33.39
CA LYS A 166 -10.05 6.34 -32.73
C LYS A 166 -11.42 5.97 -32.14
N LYS A 167 -11.71 4.69 -32.03
CA LYS A 167 -13.04 4.20 -31.65
C LYS A 167 -12.94 3.13 -30.58
N ALA A 168 -14.02 3.02 -29.80
CA ALA A 168 -14.04 2.23 -28.61
C ALA A 168 -15.25 1.37 -28.57
N LEU A 169 -15.07 0.19 -27.97
CA LEU A 169 -16.11 -0.73 -27.60
C LEU A 169 -16.13 -0.85 -26.08
N ILE A 170 -17.33 -0.83 -25.50
CA ILE A 170 -17.52 -1.03 -24.08
C ILE A 170 -18.09 -2.41 -23.88
N ILE A 171 -17.45 -3.24 -23.05
CA ILE A 171 -18.01 -4.52 -22.69
C ILE A 171 -18.06 -4.81 -21.23
N LEU A 172 -18.98 -5.67 -20.89
CA LEU A 172 -19.14 -6.20 -19.56
C LEU A 172 -18.89 -7.74 -19.56
N THR A 173 -18.15 -8.21 -18.57
CA THR A 173 -17.91 -9.64 -18.45
C THR A 173 -18.68 -10.12 -17.29
N ASN A 174 -19.52 -11.13 -17.52
CA ASN A 174 -20.18 -11.82 -16.43
C ASN A 174 -20.11 -13.34 -16.57
N SER A 175 -19.78 -14.03 -15.48
CA SER A 175 -19.15 -15.36 -15.55
C SER A 175 -18.15 -15.34 -16.73
N ASN A 176 -18.28 -16.28 -17.66
CA ASN A 176 -17.42 -16.26 -18.86
C ASN A 176 -18.07 -15.63 -20.09
N LYS A 177 -19.26 -15.03 -19.94
CA LYS A 177 -19.90 -14.40 -21.10
C LYS A 177 -19.65 -12.88 -21.19
N ILE A 178 -19.69 -12.37 -22.41
CA ILE A 178 -19.32 -11.00 -22.75
C ILE A 178 -20.54 -10.34 -23.29
N SER A 179 -20.72 -9.06 -22.96
CA SER A 179 -21.85 -8.30 -23.49
C SER A 179 -21.35 -6.93 -23.81
N ALA A 180 -21.97 -6.28 -24.80
CA ALA A 180 -21.48 -5.00 -25.27
C ALA A 180 -22.52 -3.93 -25.04
N PHE A 181 -22.01 -2.70 -24.90
CA PHE A 181 -22.80 -1.54 -24.51
C PHE A 181 -22.31 -0.41 -25.38
N GLY A 182 -23.21 0.53 -25.61
CA GLY A 182 -22.91 1.62 -26.53
C GLY A 182 -23.44 2.92 -25.99
N PRO A 183 -23.68 3.88 -26.86
CA PRO A 183 -24.13 5.20 -26.41
C PRO A 183 -25.49 5.08 -25.72
N GLN A 184 -25.76 5.87 -24.67
CA GLN A 184 -27.03 5.84 -23.90
C GLN A 184 -27.34 4.59 -23.09
N SER A 185 -26.35 3.75 -22.91
CA SER A 185 -26.54 2.61 -22.02
C SER A 185 -26.11 3.04 -20.60
N ARG A 186 -26.07 2.08 -19.69
CA ARG A 186 -25.58 2.29 -18.31
C ARG A 186 -24.10 2.74 -18.27
N PHE A 187 -23.32 2.55 -19.37
CA PHE A 187 -21.93 3.04 -19.44
C PHE A 187 -21.70 4.13 -20.47
N GLY A 188 -22.83 4.70 -20.90
CA GLY A 188 -22.97 5.65 -21.96
C GLY A 188 -22.11 6.88 -21.90
N ILE A 189 -21.71 7.31 -20.69
CA ILE A 189 -20.94 8.55 -20.56
C ILE A 189 -19.58 8.54 -21.27
N ILE A 190 -19.04 7.35 -21.48
CA ILE A 190 -17.78 7.21 -22.21
C ILE A 190 -17.92 7.77 -23.66
N HIS A 191 -19.05 7.48 -24.29
CA HIS A 191 -19.37 8.03 -25.60
C HIS A 191 -20.10 9.37 -25.52
N ASP A 192 -21.06 9.51 -24.61
CA ASP A 192 -22.04 10.63 -24.62
C ASP A 192 -21.51 11.91 -23.99
N VAL A 193 -20.67 11.77 -22.98
CA VAL A 193 -20.15 12.93 -22.24
C VAL A 193 -18.70 13.17 -22.53
N LEU A 194 -17.90 12.13 -22.56
CA LEU A 194 -16.48 12.28 -22.79
C LEU A 194 -16.02 12.25 -24.26
N GLY A 195 -16.96 12.09 -25.20
CA GLY A 195 -16.68 12.32 -26.62
C GLY A 195 -15.97 11.17 -27.33
N ILE A 196 -15.80 10.01 -26.70
CA ILE A 196 -15.07 8.89 -27.36
C ILE A 196 -16.00 8.23 -28.40
N ASN A 197 -15.55 8.15 -29.65
CA ASN A 197 -16.37 7.55 -30.70
C ASN A 197 -16.57 6.06 -30.44
N ALA A 198 -17.75 5.58 -30.76
CA ALA A 198 -18.07 4.18 -30.63
C ALA A 198 -17.72 3.37 -31.91
N VAL A 199 -17.32 2.13 -31.75
CA VAL A 199 -17.15 1.25 -32.94
C VAL A 199 -18.46 0.93 -33.62
N ASP A 200 -19.55 0.93 -32.89
CA ASP A 200 -20.85 0.70 -33.48
C ASP A 200 -21.90 1.48 -32.67
N GLU A 201 -22.29 2.61 -33.25
CA GLU A 201 -23.46 3.40 -32.91
C GLU A 201 -24.76 2.57 -32.74
N ASN A 202 -24.88 1.43 -33.39
CA ASN A 202 -26.14 0.68 -33.39
C ASN A 202 -26.31 -0.22 -32.21
N ILE A 203 -25.34 -0.28 -31.31
CA ILE A 203 -25.60 -1.03 -30.07
C ILE A 203 -26.37 -0.06 -29.16
N LYS A 204 -27.67 -0.37 -29.01
CA LYS A 204 -28.68 0.48 -28.40
C LYS A 204 -29.30 -0.33 -27.28
N VAL A 205 -28.80 -0.13 -26.06
CA VAL A 205 -29.02 -1.02 -24.95
C VAL A 205 -29.17 -0.14 -23.66
N GLY A 206 -29.70 -0.71 -22.57
CA GLY A 206 -29.79 -0.02 -21.29
C GLY A 206 -28.91 -0.67 -20.20
N THR A 207 -29.56 -1.41 -19.31
CA THR A 207 -28.88 -2.01 -18.22
C THR A 207 -28.39 -3.37 -18.60
N LEU A 208 -28.98 -4.01 -19.61
CA LEU A 208 -28.60 -5.39 -20.05
C LEU A 208 -27.92 -5.28 -21.41
N GLY A 209 -26.76 -5.93 -21.58
CA GLY A 209 -25.87 -5.65 -22.71
C GLY A 209 -26.21 -6.54 -23.89
N LYS A 210 -25.63 -6.26 -25.07
CA LYS A 210 -25.82 -7.08 -26.27
C LYS A 210 -24.83 -8.24 -26.18
N SER A 211 -25.34 -9.45 -26.15
CA SER A 211 -24.50 -10.64 -26.02
C SER A 211 -23.61 -10.81 -27.27
N ILE A 212 -22.29 -10.87 -27.09
N ILE A 212 -22.29 -10.88 -27.08
CA ILE A 212 -21.35 -11.09 -28.21
CA ILE A 212 -21.31 -11.00 -28.15
C ILE A 212 -20.26 -12.08 -27.78
C ILE A 212 -20.26 -12.08 -27.78
N ASN A 213 -19.35 -12.36 -28.70
CA ASN A 213 -18.21 -13.23 -28.43
C ASN A 213 -17.00 -12.50 -28.98
N SER A 214 -15.83 -13.12 -28.89
CA SER A 214 -14.61 -12.45 -29.35
C SER A 214 -14.48 -12.23 -30.84
N GLU A 215 -15.17 -13.05 -31.63
CA GLU A 215 -15.20 -12.91 -33.09
C GLU A 215 -15.73 -11.52 -33.51
N PHE A 216 -16.82 -11.11 -32.87
CA PHE A 216 -17.39 -9.75 -32.92
C PHE A 216 -16.37 -8.67 -32.58
N ILE A 217 -15.65 -8.87 -31.48
CA ILE A 217 -14.74 -7.85 -31.02
C ILE A 217 -13.68 -7.69 -32.08
N LEU A 218 -13.14 -8.80 -32.56
CA LEU A 218 -12.19 -8.78 -33.68
C LEU A 218 -12.78 -8.17 -34.97
N GLU A 219 -14.00 -8.56 -35.34
CA GLU A 219 -14.66 -7.93 -36.51
C GLU A 219 -14.73 -6.40 -36.37
N LYS A 220 -15.04 -5.90 -35.17
CA LYS A 220 -15.13 -4.45 -34.97
C LYS A 220 -13.79 -3.78 -34.87
N ASN A 221 -12.77 -4.52 -34.46
CA ASN A 221 -11.39 -4.00 -34.29
C ASN A 221 -11.33 -2.59 -33.64
N PRO A 222 -11.85 -2.49 -32.41
CA PRO A 222 -11.77 -1.20 -31.73
C PRO A 222 -10.35 -0.82 -31.44
N ASP A 223 -10.11 0.47 -31.39
CA ASP A 223 -8.85 1.00 -30.87
C ASP A 223 -8.70 0.99 -29.32
N TYR A 224 -9.84 1.03 -28.59
CA TYR A 224 -9.89 0.94 -27.13
C TYR A 224 -10.97 -0.06 -26.81
N ILE A 225 -10.73 -0.92 -25.83
CA ILE A 225 -11.78 -1.71 -25.26
C ILE A 225 -11.83 -1.29 -23.81
N PHE A 226 -13.00 -0.82 -23.36
CA PHE A 226 -13.24 -0.59 -21.93
C PHE A 226 -14.02 -1.72 -21.39
N VAL A 227 -13.48 -2.39 -20.36
CA VAL A 227 -14.04 -3.56 -19.77
C VAL A 227 -14.52 -3.29 -18.32
N VAL A 228 -15.76 -3.62 -18.08
CA VAL A 228 -16.34 -3.64 -16.71
C VAL A 228 -16.52 -5.08 -16.33
N ASP A 229 -15.78 -5.52 -15.32
CA ASP A 229 -15.88 -6.89 -14.77
C ASP A 229 -16.86 -7.03 -13.59
N ARG A 230 -18.07 -7.46 -13.94
CA ARG A 230 -19.15 -7.79 -12.99
C ARG A 230 -18.77 -8.96 -12.05
N ASN A 231 -17.82 -9.82 -12.46
CA ASN A 231 -17.36 -10.87 -11.58
C ASN A 231 -16.73 -10.36 -10.29
N VAL A 232 -16.09 -9.21 -10.36
CA VAL A 232 -15.46 -8.64 -9.21
C VAL A 232 -16.54 -8.26 -8.17
N ILE A 233 -17.61 -7.65 -8.62
CA ILE A 233 -18.68 -7.24 -7.74
C ILE A 233 -19.43 -8.46 -7.16
N LEU A 234 -19.77 -9.45 -7.99
CA LEU A 234 -20.54 -10.63 -7.51
C LEU A 234 -19.68 -11.69 -6.82
N GLY A 235 -18.36 -11.53 -6.82
CA GLY A 235 -17.46 -12.47 -6.17
C GLY A 235 -17.34 -13.81 -6.89
N ASN A 236 -17.46 -13.82 -8.22
CA ASN A 236 -17.18 -15.02 -9.01
C ASN A 236 -15.68 -15.23 -9.20
N LYS A 237 -15.31 -16.46 -9.56
CA LYS A 237 -13.90 -16.82 -9.77
C LYS A 237 -13.39 -16.21 -11.05
N GLU A 238 -14.26 -16.15 -12.08
CA GLU A 238 -13.91 -15.78 -13.48
C GLU A 238 -13.51 -14.32 -13.56
N ARG A 239 -12.56 -13.99 -14.42
CA ARG A 239 -11.95 -12.66 -14.43
C ARG A 239 -11.79 -12.25 -15.87
N ALA A 240 -12.13 -11.00 -16.18
CA ALA A 240 -12.14 -10.56 -17.58
C ALA A 240 -10.76 -10.65 -18.25
N GLN A 241 -9.70 -10.53 -17.48
CA GLN A 241 -8.34 -10.64 -18.02
C GLN A 241 -8.14 -12.03 -18.64
N GLY A 242 -8.67 -13.06 -17.99
CA GLY A 242 -8.67 -14.42 -18.52
C GLY A 242 -9.59 -14.61 -19.72
N ILE A 243 -10.83 -14.22 -19.58
CA ILE A 243 -11.77 -14.28 -20.70
C ILE A 243 -11.25 -13.60 -21.98
N LEU A 244 -10.55 -12.49 -21.84
CA LEU A 244 -10.10 -11.74 -23.01
C LEU A 244 -8.70 -12.13 -23.52
N ASP A 245 -7.99 -12.98 -22.78
CA ASP A 245 -6.72 -13.53 -23.26
C ASP A 245 -7.02 -14.70 -24.22
N ASN A 246 -7.15 -14.37 -25.51
CA ASN A 246 -7.39 -15.36 -26.56
C ASN A 246 -6.88 -14.75 -27.86
N ALA A 247 -6.64 -15.59 -28.87
CA ALA A 247 -5.99 -15.17 -30.13
C ALA A 247 -6.80 -14.17 -30.97
N LEU A 248 -8.14 -14.27 -30.89
CA LEU A 248 -9.02 -13.37 -31.64
C LEU A 248 -8.88 -11.96 -31.09
N VAL A 249 -9.02 -11.80 -29.76
CA VAL A 249 -8.86 -10.49 -29.11
C VAL A 249 -7.43 -9.99 -29.32
N ALA A 250 -6.43 -10.88 -29.24
CA ALA A 250 -5.01 -10.49 -29.46
C ALA A 250 -4.76 -9.83 -30.76
N LYS A 251 -5.57 -10.11 -31.79
CA LYS A 251 -5.34 -9.44 -33.09
C LYS A 251 -5.90 -8.00 -33.14
N THR A 252 -6.61 -7.51 -32.10
CA THR A 252 -7.21 -6.19 -32.23
C THR A 252 -6.15 -5.10 -32.07
N LYS A 253 -6.43 -3.92 -32.61
CA LYS A 253 -5.58 -2.76 -32.41
C LYS A 253 -5.53 -2.40 -30.90
N ALA A 254 -6.66 -2.54 -30.19
CA ALA A 254 -6.66 -2.31 -28.73
C ALA A 254 -5.66 -3.22 -27.96
N ALA A 255 -5.69 -4.51 -28.26
CA ALA A 255 -4.74 -5.43 -27.65
C ALA A 255 -3.32 -5.04 -28.05
N GLN A 256 -3.10 -4.71 -29.32
CA GLN A 256 -1.74 -4.44 -29.79
C GLN A 256 -1.19 -3.15 -29.21
N ASN A 257 -2.07 -2.22 -28.87
CA ASN A 257 -1.62 -0.94 -28.30
C ASN A 257 -1.74 -0.77 -26.80
N LYS A 258 -2.01 -1.87 -26.09
CA LYS A 258 -2.17 -1.88 -24.62
C LYS A 258 -3.36 -1.03 -24.19
N LYS A 259 -4.45 -1.07 -24.94
CA LYS A 259 -5.58 -0.21 -24.69
C LYS A 259 -6.76 -1.02 -24.41
N ILE A 260 -6.56 -2.15 -23.73
CA ILE A 260 -7.67 -2.83 -23.20
C ILE A 260 -7.68 -2.30 -21.75
N ILE A 261 -8.77 -1.66 -21.33
CA ILE A 261 -8.75 -0.85 -20.09
C ILE A 261 -9.73 -1.46 -19.18
N TYR A 262 -9.26 -1.92 -18.04
CA TYR A 262 -10.10 -2.55 -17.04
C TYR A 262 -10.54 -1.50 -16.04
N LEU A 263 -11.75 -1.02 -16.21
CA LEU A 263 -12.30 0.03 -15.42
C LEU A 263 -12.73 -0.53 -14.08
N ASP A 264 -12.62 0.30 -13.05
CA ASP A 264 -13.00 -0.20 -11.68
C ASP A 264 -14.51 -0.37 -11.56
N PRO A 265 -14.97 -1.63 -11.35
CA PRO A 265 -16.39 -1.83 -11.33
C PRO A 265 -17.07 -1.28 -10.10
N GLU A 266 -16.33 -1.07 -9.00
CA GLU A 266 -16.92 -0.40 -7.84
C GLU A 266 -17.36 1.03 -8.13
N TYR A 267 -16.86 1.65 -9.23
CA TYR A 267 -17.38 2.91 -9.69
C TYR A 267 -18.42 2.65 -10.83
N TRP A 268 -18.00 1.88 -11.85
CA TRP A 268 -18.75 1.84 -13.13
C TRP A 268 -19.99 0.95 -13.03
N TYR A 269 -19.86 -0.24 -12.45
CA TYR A 269 -20.96 -1.16 -12.33
C TYR A 269 -21.90 -0.78 -11.15
N LEU A 270 -21.34 -0.64 -9.97
CA LEU A 270 -22.10 -0.16 -8.81
C LEU A 270 -22.66 1.21 -9.00
N ALA A 271 -22.04 2.02 -9.87
CA ALA A 271 -22.71 3.13 -10.63
C ALA A 271 -22.78 4.32 -9.67
N SER A 272 -21.62 4.86 -9.36
CA SER A 272 -21.53 5.94 -8.43
C SER A 272 -21.40 7.31 -9.10
N GLY A 273 -22.07 7.43 -10.24
CA GLY A 273 -22.09 8.67 -10.98
C GLY A 273 -22.75 9.87 -10.33
N ASN A 274 -23.66 9.68 -9.37
CA ASN A 274 -24.19 10.79 -8.58
C ASN A 274 -23.22 11.45 -7.57
N GLY A 275 -21.98 10.96 -7.50
CA GLY A 275 -21.05 11.39 -6.52
C GLY A 275 -20.26 12.49 -7.11
N LEU A 276 -20.24 13.59 -6.38
CA LEU A 276 -19.38 14.71 -6.74
C LEU A 276 -17.89 14.36 -6.84
N GLU A 277 -17.36 13.43 -6.03
CA GLU A 277 -15.96 13.10 -6.14
C GLU A 277 -15.84 11.87 -6.96
N SER A 278 -16.71 10.89 -6.76
CA SER A 278 -16.60 9.64 -7.52
C SER A 278 -16.76 9.82 -9.06
N LEU A 279 -17.59 10.74 -9.49
CA LEU A 279 -17.75 11.00 -10.95
C LEU A 279 -16.48 11.61 -11.50
N LYS A 280 -15.85 12.44 -10.68
CA LYS A 280 -14.56 12.99 -11.06
C LYS A 280 -13.51 11.91 -11.24
N THR A 281 -13.44 10.94 -10.33
CA THR A 281 -12.46 9.86 -10.44
C THR A 281 -12.69 9.05 -11.74
N MET A 282 -13.93 8.77 -12.04
CA MET A 282 -14.27 8.04 -13.26
C MET A 282 -13.87 8.81 -14.52
N ILE A 283 -14.06 10.12 -14.51
CA ILE A 283 -13.66 10.96 -15.64
C ILE A 283 -12.17 10.81 -15.83
N LEU A 284 -11.41 10.97 -14.74
CA LEU A 284 -9.95 10.89 -14.79
C LEU A 284 -9.40 9.55 -15.24
N GLU A 285 -10.12 8.50 -14.89
CA GLU A 285 -9.77 7.13 -15.24
C GLU A 285 -9.89 6.99 -16.80
N ILE A 286 -10.92 7.59 -17.39
CA ILE A 286 -11.08 7.55 -18.86
C ILE A 286 -9.98 8.35 -19.50
N LYS A 287 -9.78 9.54 -18.96
CA LYS A 287 -8.80 10.44 -19.44
C LYS A 287 -7.39 9.89 -19.43
N ASN A 288 -6.98 9.33 -18.31
CA ASN A 288 -5.62 8.76 -18.20
C ASN A 288 -5.44 7.50 -19.07
N ALA A 289 -6.53 6.85 -19.41
CA ALA A 289 -6.49 5.70 -20.29
C ALA A 289 -6.32 6.11 -21.75
N VAL A 290 -6.86 7.23 -22.18
CA VAL A 290 -6.78 7.53 -23.61
C VAL A 290 -5.66 8.44 -23.99
CA LYS A 291 -3.96 10.90 -22.50
C LYS A 291 -3.01 10.63 -21.31
CA PRO B 2 12.98 -9.30 9.86
C PRO B 2 12.01 -8.59 8.87
N ALA B 3 11.52 -7.38 9.18
CA ALA B 3 10.74 -6.59 8.22
C ALA B 3 11.70 -6.13 7.10
N MET B 4 11.21 -6.04 5.85
CA MET B 4 12.00 -5.49 4.76
C MET B 4 11.43 -4.13 4.27
N LEU B 5 12.29 -3.12 4.31
CA LEU B 5 11.95 -1.74 4.03
C LEU B 5 12.25 -1.55 2.59
N PRO B 6 11.51 -0.70 1.89
CA PRO B 6 11.86 -0.44 0.50
C PRO B 6 13.14 0.37 0.42
N ILE B 7 13.75 0.36 -0.75
CA ILE B 7 14.78 1.29 -1.09
C ILE B 7 14.16 2.66 -1.36
N SER B 8 14.75 3.70 -0.81
CA SER B 8 14.38 5.09 -1.14
C SER B 8 15.64 5.87 -1.40
N MET B 9 15.45 6.94 -2.16
CA MET B 9 16.58 7.72 -2.72
C MET B 9 16.19 9.20 -2.81
N SER B 10 17.05 10.10 -2.42
CA SER B 10 16.88 11.52 -2.70
C SER B 10 18.09 12.04 -3.49
N ASP B 11 17.75 12.91 -4.45
CA ASP B 11 18.72 13.49 -5.35
C ASP B 11 19.57 14.55 -4.63
N GLU B 12 20.87 14.34 -4.50
CA GLU B 12 21.75 15.32 -3.82
C GLU B 12 22.65 16.12 -4.83
N GLY B 13 22.34 16.06 -6.13
CA GLY B 13 23.13 16.75 -7.17
C GLY B 13 23.98 15.82 -8.04
N ASP B 14 25.16 15.46 -7.53
CA ASP B 14 26.06 14.55 -8.23
C ASP B 14 25.85 13.09 -7.78
N SER B 15 24.82 12.83 -6.96
CA SER B 15 24.72 11.55 -6.27
C SER B 15 23.41 11.43 -5.54
N PHE B 16 23.10 10.19 -5.13
CA PHE B 16 21.89 9.87 -4.43
C PHE B 16 22.25 9.46 -3.02
N LEU B 17 21.45 9.94 -2.06
CA LEU B 17 21.45 9.36 -0.73
C LEU B 17 20.39 8.24 -0.70
N VAL B 18 20.83 7.02 -0.43
CA VAL B 18 20.05 5.80 -0.69
C VAL B 18 19.95 5.06 0.61
N LYS B 19 18.72 4.69 0.96
CA LYS B 19 18.36 4.08 2.25
C LYS B 19 17.68 2.78 1.85
N ASP B 20 18.13 1.70 2.45
CA ASP B 20 17.51 0.38 2.26
C ASP B 20 17.40 -0.25 3.65
N SER B 21 17.01 -1.53 3.73
CA SER B 21 16.83 -2.24 5.00
C SER B 21 18.08 -2.32 5.80
N LEU B 22 19.23 -2.37 5.15
CA LEU B 22 20.49 -2.61 5.87
C LEU B 22 21.21 -1.33 6.27
N GLY B 23 20.91 -0.19 5.64
CA GLY B 23 21.48 1.10 6.05
C GLY B 23 21.37 2.13 4.97
N GLU B 24 22.23 3.15 5.02
CA GLU B 24 22.21 4.21 4.05
C GLU B 24 23.61 4.30 3.38
N ASN B 25 23.65 4.88 2.20
CA ASN B 25 24.86 4.90 1.34
C ASN B 25 24.77 6.10 0.46
N LYS B 26 25.91 6.77 0.25
CA LYS B 26 25.96 7.76 -0.82
C LYS B 26 26.42 6.97 -2.05
N ILE B 27 25.66 7.08 -3.12
CA ILE B 27 25.91 6.40 -4.41
C ILE B 27 25.98 7.45 -5.53
N PRO B 28 27.11 7.52 -6.27
CA PRO B 28 27.17 8.49 -7.40
C PRO B 28 26.12 8.27 -8.47
N LYS B 29 25.68 9.31 -9.16
CA LYS B 29 24.84 9.12 -10.34
C LYS B 29 25.66 8.36 -11.40
N ASN B 30 25.02 7.44 -12.13
CA ASN B 30 25.69 6.73 -13.23
CA ASN B 30 25.67 6.73 -13.22
C ASN B 30 26.93 5.97 -12.75
N PRO B 31 26.81 5.18 -11.67
CA PRO B 31 28.02 4.55 -11.17
C PRO B 31 28.68 3.61 -12.18
N SER B 32 29.99 3.74 -12.30
CA SER B 32 30.71 3.27 -13.49
C SER B 32 31.34 1.89 -13.26
N LYS B 33 31.55 1.50 -12.00
CA LYS B 33 32.20 0.26 -11.67
C LYS B 33 31.44 -0.51 -10.57
N VAL B 34 30.62 -1.44 -10.99
CA VAL B 34 29.69 -2.13 -10.08
C VAL B 34 30.07 -3.60 -9.94
N VAL B 35 30.18 -4.08 -8.72
CA VAL B 35 30.32 -5.49 -8.39
C VAL B 35 28.93 -6.02 -8.05
N ILE B 36 28.51 -7.11 -8.68
CA ILE B 36 27.17 -7.58 -8.49
C ILE B 36 27.23 -8.99 -8.00
N LEU B 37 26.65 -9.22 -6.83
CA LEU B 37 26.59 -10.52 -6.29
C LEU B 37 25.21 -11.16 -6.43
N ASP B 38 24.21 -10.41 -6.87
CA ASP B 38 22.82 -10.93 -7.06
C ASP B 38 22.62 -11.20 -8.58
N LEU B 39 22.39 -12.45 -8.94
CA LEU B 39 22.34 -12.87 -10.33
C LEU B 39 21.13 -12.25 -11.00
N GLY B 40 20.02 -12.05 -10.28
CA GLY B 40 18.90 -11.35 -10.85
C GLY B 40 19.22 -9.92 -11.27
N ILE B 41 19.88 -9.18 -10.40
CA ILE B 41 20.11 -7.76 -10.75
C ILE B 41 21.19 -7.67 -11.84
N LEU B 42 22.02 -8.70 -11.93
CA LEU B 42 23.00 -8.79 -13.02
C LEU B 42 22.26 -8.90 -14.35
N ASP B 43 21.22 -9.73 -14.38
CA ASP B 43 20.38 -9.83 -15.59
C ASP B 43 19.66 -8.53 -15.94
N THR B 44 19.23 -7.81 -14.90
CA THR B 44 18.61 -6.48 -15.08
C THR B 44 19.60 -5.43 -15.66
N PHE B 45 20.83 -5.45 -15.20
CA PHE B 45 21.87 -4.62 -15.85
C PHE B 45 21.98 -4.85 -17.35
N ASP B 46 21.90 -6.12 -17.76
CA ASP B 46 21.88 -6.45 -19.21
C ASP B 46 20.65 -5.92 -19.93
N ALA B 47 19.45 -6.16 -19.39
CA ALA B 47 18.22 -5.68 -20.04
C ALA B 47 18.23 -4.17 -20.16
N LEU B 48 18.92 -3.47 -19.25
CA LEU B 48 18.94 -1.99 -19.30
C LEU B 48 20.14 -1.44 -20.07
N LYS B 49 20.98 -2.37 -20.55
CA LYS B 49 22.15 -2.08 -21.40
C LYS B 49 23.24 -1.38 -20.62
N LEU B 50 23.56 -1.92 -19.43
CA LEU B 50 24.55 -1.38 -18.49
C LEU B 50 25.67 -2.38 -18.26
N ASN B 51 25.90 -3.25 -19.24
CA ASN B 51 26.94 -4.31 -19.20
C ASN B 51 28.31 -3.72 -18.91
N ASP B 52 28.61 -2.59 -19.55
CA ASP B 52 29.90 -1.90 -19.42
C ASP B 52 30.14 -1.36 -18.00
N LYS B 53 29.09 -1.15 -17.19
CA LYS B 53 29.26 -0.68 -15.82
C LYS B 53 29.69 -1.75 -14.88
N VAL B 54 29.55 -3.00 -15.26
CA VAL B 54 29.77 -4.14 -14.35
C VAL B 54 31.22 -4.51 -14.36
N VAL B 55 31.89 -4.60 -13.21
CA VAL B 55 33.32 -4.89 -13.18
C VAL B 55 33.62 -6.19 -12.51
N GLY B 56 32.65 -6.84 -11.87
CA GLY B 56 32.90 -8.10 -11.17
C GLY B 56 31.64 -8.89 -10.90
N VAL B 57 31.73 -10.22 -11.02
CA VAL B 57 30.58 -11.09 -10.86
C VAL B 57 30.92 -12.36 -10.20
N PRO B 58 29.90 -13.08 -9.70
CA PRO B 58 30.21 -14.31 -9.08
C PRO B 58 30.34 -15.45 -10.07
N ALA B 59 31.52 -15.56 -10.69
CA ALA B 59 31.79 -16.53 -11.76
C ALA B 59 31.59 -17.96 -11.42
N LYS B 60 31.90 -18.36 -10.19
CA LYS B 60 31.70 -19.78 -9.78
C LYS B 60 30.25 -20.29 -9.95
N ASN B 61 29.27 -19.41 -9.84
CA ASN B 61 27.88 -19.81 -9.94
C ASN B 61 27.24 -19.15 -11.16
N LEU B 62 28.00 -18.80 -12.19
CA LEU B 62 27.44 -18.01 -13.29
C LEU B 62 26.63 -18.95 -14.21
N PRO B 63 25.30 -18.74 -14.29
CA PRO B 63 24.47 -19.70 -15.07
C PRO B 63 24.55 -19.52 -16.60
N LYS B 64 23.95 -20.47 -17.30
CA LYS B 64 23.93 -20.52 -18.80
C LYS B 64 23.38 -19.30 -19.48
N TYR B 65 22.44 -18.61 -18.83
CA TYR B 65 21.75 -17.47 -19.39
C TYR B 65 22.43 -16.11 -19.14
N LEU B 66 23.53 -16.12 -18.41
CA LEU B 66 24.36 -14.94 -18.13
C LEU B 66 25.84 -15.11 -18.62
N GLN B 67 26.04 -15.84 -19.71
CA GLN B 67 27.41 -16.06 -20.24
C GLN B 67 28.00 -14.84 -20.92
N GLN B 68 27.23 -13.79 -21.13
CA GLN B 68 27.83 -12.57 -21.59
C GLN B 68 28.73 -11.93 -20.50
N PHE B 69 28.64 -12.36 -19.27
CA PHE B 69 29.51 -11.82 -18.23
C PHE B 69 30.64 -12.79 -17.89
N LYS B 70 30.88 -13.77 -18.73
CA LYS B 70 31.86 -14.81 -18.52
C LYS B 70 33.29 -14.25 -18.44
N ASN B 71 33.54 -13.14 -19.08
CA ASN B 71 34.86 -12.53 -19.03
C ASN B 71 35.05 -11.41 -18.03
N LYS B 72 34.09 -11.16 -17.17
CA LYS B 72 34.29 -10.22 -16.12
C LYS B 72 35.16 -10.87 -15.08
N PRO B 73 36.00 -10.06 -14.40
CA PRO B 73 36.71 -10.56 -13.24
C PRO B 73 35.75 -11.19 -12.24
N SER B 74 36.16 -12.31 -11.64
CA SER B 74 35.33 -13.07 -10.73
C SER B 74 35.52 -12.60 -9.28
N VAL B 75 34.43 -12.48 -8.55
CA VAL B 75 34.49 -12.19 -7.10
C VAL B 75 34.05 -13.43 -6.32
N GLY B 76 34.21 -14.58 -6.98
CA GLY B 76 33.96 -15.89 -6.38
C GLY B 76 32.57 -16.46 -6.69
N GLY B 77 31.87 -16.86 -5.64
CA GLY B 77 30.53 -17.52 -5.71
C GLY B 77 29.48 -16.64 -5.01
N VAL B 78 28.19 -16.90 -5.23
CA VAL B 78 27.11 -16.19 -4.50
C VAL B 78 27.17 -16.42 -2.97
N GLN B 79 27.75 -17.53 -2.55
CA GLN B 79 27.91 -17.84 -1.14
C GLN B 79 29.38 -17.66 -0.71
N GLN B 80 30.28 -18.39 -1.37
CA GLN B 80 31.74 -18.28 -1.12
C GLN B 80 32.28 -16.99 -1.76
N VAL B 81 32.10 -15.88 -1.08
CA VAL B 81 32.47 -14.56 -1.62
C VAL B 81 33.95 -14.33 -1.38
N ASP B 82 34.63 -13.77 -2.38
CA ASP B 82 36.08 -13.53 -2.31
C ASP B 82 36.27 -12.03 -2.09
N PHE B 83 36.39 -11.65 -0.80
CA PHE B 83 36.46 -10.21 -0.38
C PHE B 83 37.64 -9.43 -0.96
N GLU B 84 38.78 -10.11 -1.04
CA GLU B 84 40.06 -9.56 -1.61
C GLU B 84 39.92 -9.22 -3.07
N ALA B 85 39.25 -10.09 -3.83
CA ALA B 85 39.00 -9.76 -5.27
C ALA B 85 38.04 -8.61 -5.39
N ILE B 86 37.02 -8.51 -4.52
CA ILE B 86 36.05 -7.39 -4.64
C ILE B 86 36.80 -6.12 -4.41
N ASN B 87 37.58 -6.14 -3.34
CA ASN B 87 38.37 -4.99 -2.93
C ASN B 87 39.38 -4.51 -3.98
N ALA B 88 40.14 -5.45 -4.54
CA ALA B 88 41.04 -5.16 -5.71
C ALA B 88 40.42 -4.44 -6.92
N LEU B 89 39.12 -4.64 -7.17
CA LEU B 89 38.42 -3.97 -8.28
C LEU B 89 38.06 -2.54 -8.03
N LYS B 90 38.12 -2.11 -6.78
CA LYS B 90 37.76 -0.73 -6.41
C LYS B 90 36.41 -0.29 -6.97
N PRO B 91 35.34 -1.03 -6.63
CA PRO B 91 34.04 -0.60 -7.10
C PRO B 91 33.58 0.64 -6.42
N ASP B 92 32.79 1.42 -7.15
CA ASP B 92 32.06 2.51 -6.59
C ASP B 92 30.63 2.06 -6.05
N LEU B 93 30.26 0.78 -6.29
CA LEU B 93 29.00 0.18 -5.81
C LEU B 93 29.11 -1.32 -5.80
N ILE B 94 28.67 -1.92 -4.71
CA ILE B 94 28.46 -3.35 -4.62
C ILE B 94 26.95 -3.57 -4.45
N ILE B 95 26.37 -4.44 -5.27
CA ILE B 95 24.92 -4.80 -5.12
C ILE B 95 24.75 -6.22 -4.66
N ILE B 96 23.97 -6.41 -3.61
CA ILE B 96 23.81 -7.69 -2.99
C ILE B 96 22.37 -7.99 -2.74
N SER B 97 22.14 -9.25 -2.47
CA SER B 97 20.85 -9.80 -2.20
C SER B 97 20.89 -10.47 -0.83
N GLY B 98 19.87 -11.26 -0.52
CA GLY B 98 19.70 -11.88 0.82
C GLY B 98 20.77 -12.87 1.21
N ARG B 99 21.33 -13.60 0.22
CA ARG B 99 22.43 -14.56 0.48
C ARG B 99 23.66 -13.87 1.12
N GLN B 100 23.92 -12.61 0.74
CA GLN B 100 25.10 -11.88 1.23
C GLN B 100 24.76 -10.79 2.27
N SER B 101 23.51 -10.69 2.78
CA SER B 101 23.16 -9.69 3.82
C SER B 101 24.01 -9.92 5.06
N LYS B 102 24.29 -11.19 5.38
CA LYS B 102 25.25 -11.53 6.48
C LYS B 102 26.71 -11.01 6.32
N PHE B 103 27.11 -10.53 5.15
CA PHE B 103 28.42 -9.94 4.95
C PHE B 103 28.36 -8.41 4.79
N TYR B 104 27.21 -7.77 5.03
CA TYR B 104 27.06 -6.33 4.78
C TYR B 104 28.18 -5.42 5.32
N ASP B 105 28.54 -5.63 6.58
CA ASP B 105 29.56 -4.84 7.28
C ASP B 105 30.96 -4.85 6.58
N LYS B 106 31.45 -6.03 6.24
CA LYS B 106 32.69 -6.14 5.47
C LYS B 106 32.55 -5.51 4.08
N LEU B 107 31.46 -5.82 3.39
CA LEU B 107 31.31 -5.22 2.11
C LEU B 107 31.27 -3.70 2.16
N LYS B 108 30.56 -3.13 3.15
CA LYS B 108 30.38 -1.69 3.23
C LYS B 108 31.71 -0.98 3.54
N GLU B 109 32.62 -1.72 4.20
CA GLU B 109 34.01 -1.26 4.32
C GLU B 109 34.69 -1.04 2.93
N ILE B 110 34.42 -1.92 1.97
CA ILE B 110 35.00 -1.78 0.62
C ILE B 110 34.32 -0.66 -0.16
N ALA B 111 32.98 -0.68 -0.29
CA ALA B 111 32.30 0.31 -1.12
C ALA B 111 30.86 0.50 -0.66
N PRO B 112 30.22 1.60 -1.08
CA PRO B 112 28.73 1.70 -0.89
C PRO B 112 28.05 0.46 -1.38
N THR B 113 27.14 -0.07 -0.57
CA THR B 113 26.59 -1.42 -0.78
C THR B 113 25.04 -1.38 -0.72
N LEU B 114 24.43 -1.60 -1.88
CA LEU B 114 23.00 -1.61 -2.08
C LEU B 114 22.43 -2.99 -1.92
N PHE B 115 21.45 -3.09 -1.04
CA PHE B 115 20.67 -4.33 -0.83
C PHE B 115 19.39 -4.34 -1.69
N VAL B 116 19.27 -5.34 -2.56
CA VAL B 116 18.10 -5.50 -3.43
C VAL B 116 17.43 -6.78 -3.01
N GLY B 117 16.94 -6.75 -1.77
CA GLY B 117 16.21 -7.88 -1.25
C GLY B 117 14.88 -8.13 -1.93
N LEU B 118 14.56 -9.40 -2.08
CA LEU B 118 13.24 -9.78 -2.55
C LEU B 118 12.45 -10.26 -1.33
N ASP B 119 11.37 -9.56 -1.02
CA ASP B 119 10.54 -9.86 0.16
C ASP B 119 9.62 -10.98 -0.24
N ASN B 120 9.80 -12.13 0.34
CA ASN B 120 8.94 -13.29 0.04
C ASN B 120 7.45 -13.10 0.40
N ALA B 121 7.16 -12.19 1.32
CA ALA B 121 5.80 -11.78 1.63
C ALA B 121 5.28 -10.69 0.70
N ASN B 122 6.14 -10.03 -0.09
CA ASN B 122 5.70 -8.91 -1.00
C ASN B 122 6.54 -8.93 -2.27
N PHE B 123 6.54 -10.04 -2.96
CA PHE B 123 7.51 -10.24 -4.01
C PHE B 123 7.43 -9.14 -5.04
N LEU B 124 6.26 -8.94 -5.60
CA LEU B 124 6.11 -8.05 -6.77
C LEU B 124 6.46 -6.59 -6.50
N SER B 125 6.07 -6.15 -5.32
CA SER B 125 6.40 -4.84 -4.84
C SER B 125 7.94 -4.63 -4.63
N SER B 126 8.62 -5.58 -4.03
CA SER B 126 10.06 -5.42 -3.85
C SER B 126 10.79 -5.54 -5.20
N PHE B 127 10.26 -6.36 -6.09
CA PHE B 127 10.86 -6.53 -7.41
C PHE B 127 10.86 -5.18 -8.16
N GLU B 128 9.69 -4.55 -8.19
CA GLU B 128 9.50 -3.28 -8.84
C GLU B 128 10.42 -2.22 -8.20
N ASN B 129 10.46 -2.19 -6.88
CA ASN B 129 11.27 -1.20 -6.19
C ASN B 129 12.80 -1.43 -6.51
N ASN B 130 13.24 -2.68 -6.61
CA ASN B 130 14.65 -2.98 -6.79
C ASN B 130 15.05 -2.54 -8.22
N VAL B 131 14.24 -2.91 -9.21
CA VAL B 131 14.50 -2.61 -10.61
C VAL B 131 14.43 -1.10 -10.89
N LEU B 132 13.43 -0.42 -10.37
CA LEU B 132 13.34 1.01 -10.53
C LEU B 132 14.40 1.77 -9.81
N SER B 133 14.83 1.28 -8.66
CA SER B 133 15.91 1.97 -7.94
C SER B 133 17.27 1.89 -8.69
N VAL B 134 17.59 0.71 -9.19
CA VAL B 134 18.79 0.52 -10.04
C VAL B 134 18.64 1.39 -11.27
N ALA B 135 17.49 1.37 -11.93
CA ALA B 135 17.26 2.26 -13.11
C ALA B 135 17.41 3.77 -12.79
N LYS B 136 16.95 4.18 -11.60
CA LYS B 136 16.99 5.58 -11.19
C LYS B 136 18.41 6.13 -11.13
N LEU B 137 19.33 5.30 -10.65
CA LEU B 137 20.75 5.64 -10.60
C LEU B 137 21.36 6.06 -11.94
N TYR B 138 20.78 5.62 -13.04
CA TYR B 138 21.27 5.86 -14.41
C TYR B 138 20.26 6.64 -15.24
N GLY B 139 19.20 7.13 -14.61
CA GLY B 139 18.18 7.84 -15.36
C GLY B 139 17.39 7.02 -16.34
N LEU B 140 17.23 5.71 -16.08
CA LEU B 140 16.55 4.80 -17.01
C LEU B 140 15.18 4.32 -16.50
N GLU B 141 14.50 5.12 -15.72
CA GLU B 141 13.21 4.69 -15.16
C GLU B 141 12.20 4.47 -16.28
N LYS B 142 12.24 5.34 -17.28
CA LYS B 142 11.38 5.20 -18.47
C LYS B 142 11.41 3.72 -18.98
N GLU B 143 12.62 3.24 -19.26
CA GLU B 143 12.86 1.94 -19.90
C GLU B 143 12.47 0.79 -18.96
N ALA B 144 12.82 0.93 -17.70
CA ALA B 144 12.49 -0.10 -16.72
C ALA B 144 10.96 -0.31 -16.54
N LEU B 145 10.23 0.80 -16.38
CA LEU B 145 8.76 0.77 -16.35
C LEU B 145 8.16 0.04 -17.55
N GLU B 146 8.70 0.24 -18.74
CA GLU B 146 8.21 -0.52 -19.88
C GLU B 146 8.46 -2.03 -19.74
N LYS B 147 9.63 -2.41 -19.19
CA LYS B 147 9.93 -3.82 -19.03
C LYS B 147 9.17 -4.39 -17.84
N ILE B 148 8.95 -3.61 -16.77
CA ILE B 148 8.01 -4.05 -15.69
C ILE B 148 6.55 -4.31 -16.18
N SER B 149 5.99 -3.40 -16.98
CA SER B 149 4.72 -3.73 -17.74
C SER B 149 4.71 -5.06 -18.47
N ASP B 150 5.74 -5.36 -19.26
CA ASP B 150 5.83 -6.68 -19.95
C ASP B 150 5.81 -7.82 -18.93
N ILE B 151 6.51 -7.67 -17.78
CA ILE B 151 6.47 -8.72 -16.72
C ILE B 151 5.01 -8.88 -16.18
N LYS B 152 4.38 -7.78 -15.80
CA LYS B 152 2.94 -7.82 -15.33
C LYS B 152 1.98 -8.50 -16.30
N ASN B 153 2.23 -8.28 -17.58
CA ASN B 153 1.43 -8.85 -18.58
C ASN B 153 1.70 -10.33 -18.79
N GLU B 154 2.94 -10.76 -18.61
CA GLU B 154 3.24 -12.16 -18.69
C GLU B 154 2.60 -12.87 -17.50
N ILE B 155 2.59 -12.18 -16.36
CA ILE B 155 1.96 -12.67 -15.17
C ILE B 155 0.44 -12.96 -15.47
N GLU B 156 -0.27 -12.02 -16.08
CA GLU B 156 -1.72 -12.17 -16.35
C GLU B 156 -2.03 -13.26 -17.36
N LYS B 157 -1.22 -13.37 -18.41
CA LYS B 157 -1.27 -14.55 -19.29
C LYS B 157 -1.05 -15.89 -18.56
N ALA B 158 -0.15 -15.92 -17.57
CA ALA B 158 0.07 -17.13 -16.76
C ALA B 158 -1.17 -17.46 -15.96
N LYS B 159 -1.65 -16.50 -15.18
CA LYS B 159 -2.88 -16.66 -14.40
C LYS B 159 -4.12 -17.07 -15.23
N SER B 160 -4.19 -16.67 -16.51
CA SER B 160 -5.27 -17.07 -17.45
C SER B 160 -5.46 -18.59 -17.64
N ILE B 161 -4.46 -19.39 -17.32
CA ILE B 161 -4.49 -20.81 -17.65
C ILE B 161 -4.46 -21.69 -16.37
N VAL B 162 -4.36 -21.07 -15.19
CA VAL B 162 -4.33 -21.78 -13.91
C VAL B 162 -5.66 -22.41 -13.53
N ASP B 163 -5.69 -23.74 -13.40
CA ASP B 163 -6.90 -24.46 -12.90
C ASP B 163 -7.09 -24.25 -11.37
N GLU B 164 -8.05 -23.42 -10.96
CA GLU B 164 -8.29 -23.11 -9.52
C GLU B 164 -8.63 -24.31 -8.64
N ASP B 165 -9.04 -25.42 -9.24
CA ASP B 165 -9.32 -26.67 -8.48
C ASP B 165 -8.05 -27.41 -8.06
N LYS B 166 -6.97 -27.23 -8.80
CA LYS B 166 -5.81 -28.09 -8.64
C LYS B 166 -4.77 -27.47 -7.73
N LYS B 167 -4.03 -28.33 -7.04
CA LYS B 167 -3.14 -27.87 -6.01
C LYS B 167 -1.73 -28.38 -6.24
N ALA B 168 -0.77 -27.54 -5.86
CA ALA B 168 0.67 -27.78 -6.01
C ALA B 168 1.40 -27.91 -4.69
N LEU B 169 2.45 -28.73 -4.71
CA LEU B 169 3.42 -28.80 -3.61
C LEU B 169 4.76 -28.37 -4.20
N ILE B 170 5.50 -27.50 -3.49
CA ILE B 170 6.85 -27.14 -3.92
C ILE B 170 7.80 -27.86 -3.03
N ILE B 171 8.73 -28.59 -3.64
CA ILE B 171 9.78 -29.30 -2.92
C ILE B 171 11.19 -28.99 -3.43
N LEU B 172 12.09 -29.04 -2.51
CA LEU B 172 13.52 -29.02 -2.79
C LEU B 172 14.19 -30.33 -2.38
N THR B 173 15.11 -30.79 -3.22
CA THR B 173 15.92 -31.97 -2.91
C THR B 173 17.36 -31.54 -2.74
N ASN B 174 17.94 -32.12 -1.70
CA ASN B 174 19.32 -31.89 -1.36
C ASN B 174 19.80 -33.21 -0.77
N SER B 175 20.93 -33.68 -1.29
CA SER B 175 21.38 -35.05 -1.14
C SER B 175 20.20 -35.95 -1.46
N ASN B 176 19.77 -36.81 -0.54
CA ASN B 176 18.56 -37.60 -0.75
C ASN B 176 17.37 -37.16 0.08
N LYS B 177 17.38 -35.95 0.60
CA LYS B 177 16.35 -35.49 1.51
C LYS B 177 15.42 -34.56 0.75
N ILE B 178 14.14 -34.55 1.15
CA ILE B 178 13.16 -33.68 0.57
C ILE B 178 12.76 -32.67 1.63
N SER B 179 12.60 -31.43 1.17
CA SER B 179 12.15 -30.25 1.95
C SER B 179 10.96 -29.63 1.24
N ALA B 180 9.97 -29.18 1.99
CA ALA B 180 8.81 -28.63 1.41
C ALA B 180 8.69 -27.16 1.68
N PHE B 181 8.15 -26.45 0.71
CA PHE B 181 7.98 -24.99 0.79
C PHE B 181 6.60 -24.60 0.43
N GLY B 182 6.16 -23.44 0.90
CA GLY B 182 4.77 -23.00 0.72
C GLY B 182 4.63 -21.54 0.39
N PRO B 183 3.39 -20.99 0.52
CA PRO B 183 3.17 -19.55 0.34
C PRO B 183 4.12 -18.71 1.16
N GLN B 184 4.54 -17.58 0.60
CA GLN B 184 5.43 -16.65 1.30
C GLN B 184 6.87 -17.14 1.53
N SER B 185 7.28 -18.24 0.85
CA SER B 185 8.60 -18.81 1.07
C SER B 185 9.54 -18.33 -0.04
N ARG B 186 10.76 -18.87 -0.08
CA ARG B 186 11.67 -18.50 -1.17
CA ARG B 186 11.70 -18.55 -1.19
C ARG B 186 11.15 -18.90 -2.59
N PHE B 187 10.19 -19.83 -2.68
CA PHE B 187 9.63 -20.20 -3.97
C PHE B 187 8.15 -19.79 -4.09
N GLY B 188 7.76 -18.83 -3.27
CA GLY B 188 6.34 -18.62 -2.99
C GLY B 188 5.63 -17.96 -4.12
N ILE B 189 6.36 -17.39 -5.07
CA ILE B 189 5.75 -16.76 -6.21
C ILE B 189 4.86 -17.67 -7.03
N ILE B 190 5.13 -18.96 -7.01
CA ILE B 190 4.28 -19.94 -7.65
C ILE B 190 2.81 -19.80 -7.10
N HIS B 191 2.70 -19.55 -5.82
CA HIS B 191 1.41 -19.44 -5.15
C HIS B 191 0.92 -18.01 -5.04
N ASP B 192 1.80 -17.11 -4.71
CA ASP B 192 1.44 -15.75 -4.30
C ASP B 192 1.34 -14.81 -5.48
N VAL B 193 2.08 -15.07 -6.54
CA VAL B 193 2.00 -14.24 -7.74
C VAL B 193 1.24 -14.94 -8.87
N LEU B 194 1.51 -16.21 -9.12
CA LEU B 194 0.93 -16.91 -10.27
C LEU B 194 -0.41 -17.56 -9.94
N GLY B 195 -0.77 -17.54 -8.67
CA GLY B 195 -2.11 -17.90 -8.28
C GLY B 195 -2.31 -19.40 -8.22
N ILE B 196 -1.23 -20.22 -8.20
CA ILE B 196 -1.45 -21.66 -8.11
C ILE B 196 -1.68 -22.00 -6.67
N ASN B 197 -2.84 -22.61 -6.34
CA ASN B 197 -3.16 -22.91 -4.96
C ASN B 197 -2.19 -23.98 -4.32
N ALA B 198 -1.88 -23.83 -3.05
CA ALA B 198 -1.02 -24.70 -2.29
C ALA B 198 -1.80 -25.92 -1.73
N VAL B 199 -1.21 -27.13 -1.71
CA VAL B 199 -1.89 -28.29 -1.13
C VAL B 199 -1.95 -28.15 0.37
N ASP B 200 -0.87 -27.63 0.97
CA ASP B 200 -0.77 -27.40 2.42
C ASP B 200 -0.36 -25.92 2.73
N GLU B 201 -1.38 -25.12 3.00
CA GLU B 201 -1.21 -23.67 3.35
C GLU B 201 -0.46 -23.44 4.66
N ASN B 202 -0.45 -24.45 5.53
CA ASN B 202 0.27 -24.38 6.81
C ASN B 202 1.78 -24.64 6.73
N ILE B 203 2.32 -24.89 5.52
CA ILE B 203 3.77 -24.88 5.40
C ILE B 203 4.12 -23.41 5.25
N LYS B 204 4.67 -22.83 6.33
CA LYS B 204 5.03 -21.42 6.45
C LYS B 204 6.53 -21.42 6.78
N VAL B 205 7.37 -21.24 5.77
CA VAL B 205 8.84 -21.27 5.94
C VAL B 205 9.46 -20.16 5.04
N GLY B 206 10.77 -19.91 5.17
CA GLY B 206 11.44 -18.92 4.38
C GLY B 206 12.37 -19.63 3.41
N THR B 207 13.64 -19.70 3.80
CA THR B 207 14.68 -20.25 2.99
C THR B 207 15.00 -21.73 3.31
N LEU B 208 14.59 -22.23 4.47
CA LEU B 208 14.76 -23.67 4.82
C LEU B 208 13.40 -24.32 4.82
N GLY B 209 13.26 -25.46 4.17
CA GLY B 209 11.94 -26.02 4.05
C GLY B 209 11.59 -26.91 5.21
N LYS B 210 10.38 -27.36 5.19
CA LYS B 210 9.95 -28.39 6.10
C LYS B 210 10.45 -29.77 5.67
N SER B 211 11.03 -30.50 6.60
CA SER B 211 11.44 -31.87 6.43
C SER B 211 10.23 -32.78 6.18
N ILE B 212 10.22 -33.46 5.02
CA ILE B 212 9.11 -34.36 4.67
C ILE B 212 9.66 -35.59 4.02
N ASN B 213 8.78 -36.54 3.78
CA ASN B 213 9.15 -37.76 3.07
C ASN B 213 8.10 -38.09 2.03
N SER B 214 8.26 -39.21 1.35
CA SER B 214 7.35 -39.57 0.28
C SER B 214 5.96 -39.85 0.78
N GLU B 215 5.84 -40.36 2.02
CA GLU B 215 4.49 -40.61 2.58
C GLU B 215 3.74 -39.32 2.81
N PHE B 216 4.42 -38.28 3.22
CA PHE B 216 3.79 -36.96 3.32
C PHE B 216 3.22 -36.55 1.94
N ILE B 217 4.03 -36.73 0.90
CA ILE B 217 3.61 -36.27 -0.45
C ILE B 217 2.36 -37.03 -0.92
N LEU B 218 2.35 -38.33 -0.69
CA LEU B 218 1.20 -39.17 -0.99
C LEU B 218 -0.03 -38.73 -0.22
N GLU B 219 0.15 -38.45 1.06
CA GLU B 219 -1.00 -38.03 1.86
C GLU B 219 -1.59 -36.70 1.39
N LYS B 220 -0.75 -35.72 1.04
CA LYS B 220 -1.27 -34.47 0.49
C LYS B 220 -1.85 -34.67 -0.88
N ASN B 221 -1.26 -35.58 -1.65
CA ASN B 221 -1.75 -35.93 -3.01
C ASN B 221 -1.94 -34.75 -3.97
N PRO B 222 -0.88 -33.96 -4.20
CA PRO B 222 -1.02 -32.80 -5.07
C PRO B 222 -1.21 -33.17 -6.51
N ASP B 223 -1.78 -32.23 -7.25
CA ASP B 223 -1.94 -32.36 -8.67
C ASP B 223 -0.67 -31.97 -9.43
N TYR B 224 0.14 -31.11 -8.82
CA TYR B 224 1.45 -30.71 -9.38
C TYR B 224 2.49 -30.79 -8.28
N ILE B 225 3.67 -31.27 -8.63
CA ILE B 225 4.82 -31.16 -7.75
C ILE B 225 5.88 -30.35 -8.49
N PHE B 226 6.30 -29.23 -7.90
CA PHE B 226 7.36 -28.39 -8.50
C PHE B 226 8.66 -28.70 -7.72
N VAL B 227 9.64 -29.24 -8.41
CA VAL B 227 10.89 -29.71 -7.78
C VAL B 227 12.03 -28.80 -8.12
N VAL B 228 12.72 -28.32 -7.09
CA VAL B 228 13.94 -27.55 -7.24
C VAL B 228 15.07 -28.42 -6.77
N ASP B 229 15.90 -28.91 -7.68
CA ASP B 229 16.98 -29.83 -7.29
C ASP B 229 18.28 -29.06 -6.96
N ARG B 230 18.52 -28.84 -5.68
CA ARG B 230 19.77 -28.19 -5.23
C ARG B 230 21.04 -29.01 -5.52
N ASN B 231 20.91 -30.33 -5.63
CA ASN B 231 22.01 -31.19 -6.06
C ASN B 231 22.72 -30.74 -7.31
N VAL B 232 21.96 -30.18 -8.23
CA VAL B 232 22.49 -29.72 -9.49
C VAL B 232 23.46 -28.54 -9.31
N ILE B 233 23.09 -27.63 -8.45
CA ILE B 233 23.87 -26.48 -8.15
C ILE B 233 25.11 -26.90 -7.35
N LEU B 234 24.97 -27.81 -6.41
CA LEU B 234 26.14 -28.15 -5.59
C LEU B 234 27.03 -29.19 -6.20
N GLY B 235 26.70 -29.75 -7.37
CA GLY B 235 27.51 -30.78 -8.02
C GLY B 235 27.37 -32.18 -7.47
N ASN B 236 26.39 -32.44 -6.60
CA ASN B 236 26.22 -33.79 -6.05
C ASN B 236 25.64 -34.69 -7.13
N LYS B 237 25.94 -35.98 -7.00
CA LYS B 237 25.48 -37.00 -7.90
C LYS B 237 23.98 -37.27 -7.82
N GLU B 238 23.35 -37.12 -6.64
CA GLU B 238 21.95 -37.49 -6.43
C GLU B 238 21.02 -36.58 -7.22
N ARG B 239 19.88 -37.14 -7.60
CA ARG B 239 18.96 -36.46 -8.50
C ARG B 239 17.57 -36.70 -8.02
N ALA B 240 16.77 -35.63 -7.98
CA ALA B 240 15.38 -35.71 -7.52
C ALA B 240 14.59 -36.76 -8.28
N GLN B 241 14.92 -36.97 -9.58
CA GLN B 241 14.24 -37.99 -10.39
C GLN B 241 14.38 -39.38 -9.72
N GLY B 242 15.56 -39.68 -9.17
CA GLY B 242 15.84 -40.90 -8.39
C GLY B 242 15.12 -40.95 -7.06
N ILE B 243 15.18 -39.84 -6.33
CA ILE B 243 14.54 -39.73 -5.04
C ILE B 243 13.03 -39.93 -5.14
N LEU B 244 12.40 -39.35 -6.15
CA LEU B 244 10.95 -39.42 -6.32
C LEU B 244 10.43 -40.61 -7.07
N ASP B 245 11.34 -41.46 -7.56
CA ASP B 245 10.97 -42.72 -8.19
C ASP B 245 10.66 -43.84 -7.14
N ASN B 246 9.52 -43.76 -6.50
CA ASN B 246 9.11 -44.79 -5.55
C ASN B 246 7.64 -44.95 -5.64
N ALA B 247 7.18 -46.03 -5.03
CA ALA B 247 5.80 -46.44 -5.14
C ALA B 247 4.86 -45.47 -4.47
N LEU B 248 5.34 -44.68 -3.52
CA LEU B 248 4.44 -43.72 -2.85
C LEU B 248 4.20 -42.57 -3.72
N VAL B 249 5.24 -41.91 -4.23
CA VAL B 249 4.90 -40.73 -5.05
C VAL B 249 4.28 -41.14 -6.42
N ALA B 250 4.65 -42.33 -6.92
CA ALA B 250 4.04 -42.90 -8.17
C ALA B 250 2.50 -42.94 -8.12
N LYS B 251 1.94 -43.19 -6.93
CA LYS B 251 0.47 -43.22 -6.72
CA LYS B 251 0.47 -43.22 -6.80
C LYS B 251 -0.18 -41.83 -6.78
N THR B 252 0.60 -40.73 -6.65
CA THR B 252 0.01 -39.36 -6.66
C THR B 252 -0.55 -38.97 -7.98
N LYS B 253 -1.50 -38.03 -7.95
CA LYS B 253 -2.07 -37.42 -9.14
C LYS B 253 -0.97 -36.77 -9.97
N ALA B 254 -0.06 -36.03 -9.33
CA ALA B 254 1.03 -35.37 -10.06
C ALA B 254 1.82 -36.42 -10.85
N ALA B 255 2.22 -37.54 -10.23
CA ALA B 255 3.07 -38.53 -10.94
C ALA B 255 2.29 -39.19 -12.08
N GLN B 256 1.04 -39.54 -11.80
CA GLN B 256 0.15 -40.11 -12.84
C GLN B 256 -0.07 -39.18 -14.00
N ASN B 257 -0.17 -37.89 -13.77
CA ASN B 257 -0.40 -36.94 -14.84
C ASN B 257 0.83 -36.31 -15.44
N LYS B 258 2.01 -36.85 -15.09
CA LYS B 258 3.32 -36.33 -15.48
C LYS B 258 3.38 -34.83 -15.24
N LYS B 259 2.97 -34.43 -14.03
CA LYS B 259 3.08 -33.10 -13.53
C LYS B 259 4.04 -32.99 -12.36
N ILE B 260 5.11 -33.77 -12.42
CA ILE B 260 6.25 -33.56 -11.58
C ILE B 260 7.17 -32.72 -12.44
N ILE B 261 7.27 -31.46 -12.09
CA ILE B 261 7.92 -30.45 -12.91
C ILE B 261 9.33 -30.17 -12.31
N TYR B 262 10.37 -30.52 -13.03
CA TYR B 262 11.74 -30.22 -12.50
C TYR B 262 12.15 -28.84 -12.93
N LEU B 263 12.00 -27.86 -12.04
CA LEU B 263 12.33 -26.52 -12.39
C LEU B 263 13.84 -26.32 -12.47
N ASP B 264 14.22 -25.39 -13.33
CA ASP B 264 15.65 -25.15 -13.58
C ASP B 264 16.28 -24.45 -12.39
N PRO B 265 17.13 -25.15 -11.66
CA PRO B 265 17.67 -24.55 -10.46
C PRO B 265 18.58 -23.35 -10.64
N GLU B 266 19.12 -23.15 -11.82
CA GLU B 266 19.92 -21.98 -12.09
C GLU B 266 19.10 -20.71 -12.09
N TYR B 267 17.78 -20.83 -12.18
CA TYR B 267 16.87 -19.71 -12.00
C TYR B 267 16.28 -19.71 -10.61
N TRP B 268 15.77 -20.84 -10.13
CA TRP B 268 14.95 -20.86 -8.94
C TRP B 268 15.74 -20.92 -7.68
N TYR B 269 16.83 -21.69 -7.70
CA TYR B 269 17.68 -21.86 -6.51
C TYR B 269 18.65 -20.73 -6.40
N LEU B 270 19.36 -20.47 -7.49
CA LEU B 270 20.21 -19.28 -7.55
C LEU B 270 19.48 -17.98 -7.41
N ALA B 271 18.17 -17.98 -7.72
CA ALA B 271 17.26 -16.88 -7.35
C ALA B 271 17.51 -15.63 -8.18
N SER B 272 17.22 -15.72 -9.46
CA SER B 272 17.32 -14.59 -10.34
C SER B 272 16.00 -13.84 -10.55
N GLY B 273 15.16 -13.80 -9.50
CA GLY B 273 13.94 -13.05 -9.49
C GLY B 273 14.03 -11.58 -9.77
N ASN B 274 15.14 -10.95 -9.42
CA ASN B 274 15.38 -9.53 -9.79
C ASN B 274 15.67 -9.22 -11.25
N GLY B 275 15.74 -10.25 -12.08
CA GLY B 275 16.08 -10.04 -13.48
C GLY B 275 14.90 -9.73 -14.37
N LEU B 276 15.00 -8.70 -15.20
CA LEU B 276 13.90 -8.37 -16.10
C LEU B 276 13.67 -9.43 -17.15
N GLU B 277 14.71 -10.15 -17.58
CA GLU B 277 14.49 -11.28 -18.48
C GLU B 277 14.36 -12.57 -17.74
N SER B 278 15.16 -12.76 -16.69
CA SER B 278 15.17 -14.03 -16.01
C SER B 278 13.80 -14.30 -15.28
N LEU B 279 13.20 -13.29 -14.66
CA LEU B 279 11.83 -13.45 -14.06
C LEU B 279 10.78 -13.80 -15.11
N LYS B 280 10.89 -13.21 -16.27
CA LYS B 280 10.03 -13.57 -17.37
C LYS B 280 10.15 -15.04 -17.76
N THR B 281 11.38 -15.52 -17.90
CA THR B 281 11.62 -16.92 -18.21
C THR B 281 11.02 -17.83 -17.16
N MET B 282 11.13 -17.49 -15.87
CA MET B 282 10.58 -18.31 -14.81
C MET B 282 9.06 -18.40 -14.88
N ILE B 283 8.41 -17.27 -15.15
CA ILE B 283 6.93 -17.19 -15.29
C ILE B 283 6.46 -18.11 -16.40
N LEU B 284 7.15 -18.04 -17.52
CA LEU B 284 6.82 -18.86 -18.67
C LEU B 284 7.10 -20.30 -18.39
N GLU B 285 8.15 -20.62 -17.64
CA GLU B 285 8.42 -22.00 -17.28
C GLU B 285 7.23 -22.57 -16.47
N ILE B 286 6.66 -21.81 -15.56
CA ILE B 286 5.55 -22.32 -14.80
C ILE B 286 4.30 -22.43 -15.69
N LYS B 287 3.97 -21.34 -16.40
CA LYS B 287 2.83 -21.36 -17.36
C LYS B 287 2.88 -22.55 -18.26
N ASN B 288 4.00 -22.80 -18.92
CA ASN B 288 4.07 -23.95 -19.84
C ASN B 288 3.98 -25.31 -19.15
N ALA B 289 4.40 -25.41 -17.90
CA ALA B 289 4.18 -26.60 -17.09
C ALA B 289 2.73 -26.93 -16.77
N VAL B 290 1.94 -25.88 -16.47
CA VAL B 290 0.52 -26.01 -16.05
CA VAL B 290 0.54 -26.07 -16.06
C VAL B 290 -0.41 -26.07 -17.25
N MET C 4 12.00 21.58 11.18
CA MET C 4 12.61 22.94 10.94
C MET C 4 11.51 24.00 10.92
N LEU C 5 10.74 24.12 9.86
CA LEU C 5 9.75 25.20 9.83
C LEU C 5 8.58 24.83 10.71
N PRO C 6 8.12 25.73 11.57
CA PRO C 6 6.77 25.47 12.12
C PRO C 6 5.68 25.60 11.05
N ILE C 7 4.62 24.84 11.17
CA ILE C 7 3.46 24.92 10.31
C ILE C 7 2.80 26.28 10.53
N SER C 8 2.39 26.89 9.44
CA SER C 8 1.58 28.10 9.45
C SER C 8 0.40 27.91 8.49
N MET C 9 -0.68 28.56 8.85
CA MET C 9 -1.99 28.32 8.25
C MET C 9 -2.67 29.70 8.06
N SER C 10 -3.18 29.95 6.86
CA SER C 10 -4.14 31.03 6.67
C SER C 10 -5.53 30.52 6.23
N ASP C 11 -6.54 31.06 6.88
CA ASP C 11 -7.94 30.84 6.53
C ASP C 11 -8.33 31.36 5.14
N GLU C 12 -8.79 30.47 4.28
CA GLU C 12 -9.35 30.81 2.98
C GLU C 12 -10.80 30.37 2.82
N GLY C 13 -11.59 30.51 3.90
CA GLY C 13 -13.02 30.24 3.87
C GLY C 13 -13.32 28.81 4.24
N ASP C 14 -13.47 27.96 3.22
CA ASP C 14 -13.78 26.53 3.41
C ASP C 14 -12.49 25.66 3.58
N SER C 15 -11.31 26.27 3.51
CA SER C 15 -10.09 25.51 3.70
C SER C 15 -9.00 26.40 4.28
N PHE C 16 -7.85 25.82 4.56
CA PHE C 16 -6.68 26.55 4.99
C PHE C 16 -5.59 26.36 3.98
N LEU C 17 -4.80 27.41 3.77
CA LEU C 17 -3.59 27.24 3.02
C LEU C 17 -2.52 26.96 4.10
N VAL C 18 -1.87 25.80 4.05
CA VAL C 18 -1.01 25.32 5.14
C VAL C 18 0.36 25.14 4.60
N LYS C 19 1.32 25.74 5.31
CA LYS C 19 2.74 25.70 4.90
C LYS C 19 3.55 24.97 5.96
N ASP C 20 4.28 23.96 5.55
CA ASP C 20 5.04 23.16 6.51
C ASP C 20 6.43 22.96 5.93
N SER C 21 7.31 22.22 6.60
CA SER C 21 8.69 22.09 6.09
C SER C 21 8.80 21.39 4.78
N LEU C 22 7.83 20.57 4.38
CA LEU C 22 7.91 19.94 3.07
C LEU C 22 7.25 20.64 1.91
N GLY C 23 6.29 21.50 2.17
CA GLY C 23 5.61 22.18 1.09
C GLY C 23 4.36 22.88 1.59
N GLU C 24 3.50 23.18 0.64
CA GLU C 24 2.25 23.88 0.86
C GLU C 24 1.13 23.02 0.37
N ASN C 25 -0.02 23.19 0.97
CA ASN C 25 -1.21 22.38 0.61
C ASN C 25 -2.37 23.23 0.95
N LYS C 26 -3.45 23.09 0.19
CA LYS C 26 -4.75 23.52 0.63
C LYS C 26 -5.41 22.32 1.29
N ILE C 27 -5.80 22.51 2.54
CA ILE C 27 -6.42 21.49 3.32
C ILE C 27 -7.82 21.93 3.63
N PRO C 28 -8.81 21.12 3.32
CA PRO C 28 -10.19 21.51 3.70
C PRO C 28 -10.38 21.51 5.22
N LYS C 29 -11.25 22.41 5.71
CA LYS C 29 -11.76 22.35 7.07
C LYS C 29 -12.57 21.05 7.29
N ASN C 30 -12.49 20.54 8.50
CA ASN C 30 -13.19 19.32 8.90
C ASN C 30 -13.00 18.17 7.92
N PRO C 31 -11.75 17.79 7.62
CA PRO C 31 -11.57 16.66 6.71
C PRO C 31 -12.22 15.36 7.23
N SER C 32 -12.92 14.67 6.38
CA SER C 32 -13.74 13.49 6.79
C SER C 32 -13.11 12.15 6.38
N LYS C 33 -12.02 12.18 5.64
CA LYS C 33 -11.41 10.94 5.16
C LYS C 33 -9.90 11.09 5.30
N VAL C 34 -9.37 10.89 6.52
CA VAL C 34 -7.97 11.21 6.82
C VAL C 34 -7.16 9.93 6.89
N VAL C 35 -6.07 9.84 6.17
CA VAL C 35 -5.18 8.69 6.28
C VAL C 35 -4.05 9.17 7.14
N ILE C 36 -3.74 8.47 8.18
CA ILE C 36 -2.73 8.90 9.16
C ILE C 36 -1.60 7.90 9.21
N LEU C 37 -0.39 8.36 8.87
CA LEU C 37 0.78 7.52 8.94
C LEU C 37 1.67 7.78 10.18
N ASP C 38 1.47 8.92 10.86
CA ASP C 38 2.15 9.29 12.10
C ASP C 38 1.33 8.77 13.27
N LEU C 39 1.91 7.86 14.07
CA LEU C 39 1.22 7.15 15.16
C LEU C 39 0.88 8.11 16.23
N GLY C 40 1.74 9.08 16.50
CA GLY C 40 1.40 10.11 17.53
C GLY C 40 0.19 10.88 17.19
N ILE C 41 0.11 11.31 15.95
CA ILE C 41 -1.05 12.11 15.54
C ILE C 41 -2.32 11.31 15.53
N LEU C 42 -2.22 10.03 15.18
CA LEU C 42 -3.33 9.10 15.40
C LEU C 42 -3.83 9.07 16.83
N ASP C 43 -2.91 8.99 17.77
CA ASP C 43 -3.28 9.12 19.21
C ASP C 43 -3.96 10.44 19.52
N THR C 44 -3.48 11.55 18.95
CA THR C 44 -4.06 12.88 19.12
C THR C 44 -5.46 12.91 18.52
N PHE C 45 -5.66 12.25 17.38
CA PHE C 45 -7.07 12.13 16.88
C PHE C 45 -8.00 11.41 17.87
N ASP C 46 -7.51 10.31 18.45
CA ASP C 46 -8.34 9.66 19.50
C ASP C 46 -8.57 10.64 20.69
N ALA C 47 -7.55 11.36 21.13
CA ALA C 47 -7.76 12.25 22.30
C ALA C 47 -8.77 13.39 22.03
N LEU C 48 -8.84 13.86 20.78
CA LEU C 48 -9.77 14.88 20.42
C LEU C 48 -11.07 14.34 19.94
N LYS C 49 -11.28 13.01 20.00
CA LYS C 49 -12.58 12.36 19.64
C LYS C 49 -12.90 12.44 18.14
N LEU C 50 -11.86 12.26 17.32
CA LEU C 50 -12.00 12.43 15.92
C LEU C 50 -11.79 11.11 15.19
N ASN C 51 -12.06 10.00 15.87
CA ASN C 51 -11.78 8.64 15.38
C ASN C 51 -12.52 8.36 14.04
N ASP C 52 -13.72 8.87 13.97
CA ASP C 52 -14.59 8.73 12.81
C ASP C 52 -14.08 9.53 11.55
N LYS C 53 -13.14 10.46 11.69
CA LYS C 53 -12.54 11.07 10.51
C LYS C 53 -11.45 10.21 9.86
N VAL C 54 -10.96 9.19 10.56
CA VAL C 54 -9.81 8.44 10.14
C VAL C 54 -10.28 7.32 9.28
N VAL C 55 -9.71 7.23 8.09
CA VAL C 55 -10.08 6.22 7.15
C VAL C 55 -8.97 5.25 6.84
N GLY C 56 -7.76 5.52 7.29
CA GLY C 56 -6.66 4.66 6.94
C GLY C 56 -5.55 4.82 7.94
N VAL C 57 -5.04 3.67 8.42
CA VAL C 57 -3.94 3.63 9.41
C VAL C 57 -2.94 2.58 8.98
N PRO C 58 -1.71 2.65 9.49
CA PRO C 58 -0.67 1.63 9.13
C PRO C 58 -0.74 0.47 10.08
N ALA C 59 -1.70 -0.39 9.81
CA ALA C 59 -1.99 -1.56 10.65
C ALA C 59 -0.78 -2.56 10.82
N LYS C 60 0.20 -2.61 9.90
CA LYS C 60 1.40 -3.46 10.12
C LYS C 60 2.27 -3.01 11.35
N ASN C 61 2.20 -1.74 11.76
CA ASN C 61 2.92 -1.19 12.91
C ASN C 61 1.94 -0.65 14.00
N LEU C 62 0.70 -1.16 14.05
CA LEU C 62 -0.26 -0.69 15.03
C LEU C 62 0.08 -1.21 16.45
N PRO C 63 0.63 -0.34 17.28
CA PRO C 63 0.96 -0.76 18.66
C PRO C 63 -0.22 -0.98 19.56
N LYS C 64 0.08 -1.50 20.75
CA LYS C 64 -0.92 -1.93 21.72
C LYS C 64 -1.82 -0.81 22.20
N TYR C 65 -1.32 0.40 22.22
CA TYR C 65 -2.08 1.55 22.72
C TYR C 65 -2.98 2.20 21.67
N LEU C 66 -2.99 1.66 20.47
CA LEU C 66 -3.77 2.17 19.37
C LEU C 66 -4.68 1.10 18.78
N GLN C 67 -5.01 0.09 19.60
CA GLN C 67 -5.80 -1.02 19.13
C GLN C 67 -7.26 -0.64 18.81
N GLN C 68 -7.75 0.46 19.35
CA GLN C 68 -9.03 0.95 18.92
C GLN C 68 -9.12 1.29 17.43
N PHE C 69 -7.98 1.44 16.76
CA PHE C 69 -7.94 1.56 15.31
C PHE C 69 -7.71 0.27 14.55
N LYS C 70 -7.79 -0.91 15.20
CA LYS C 70 -7.42 -2.16 14.50
C LYS C 70 -8.39 -2.55 13.37
N ASN C 71 -9.62 -2.03 13.41
CA ASN C 71 -10.56 -2.28 12.29
C ASN C 71 -10.56 -1.23 11.20
N LYS C 72 -9.72 -0.15 11.25
CA LYS C 72 -9.64 0.80 10.12
C LYS C 72 -9.00 0.12 8.94
N PRO C 73 -9.38 0.50 7.70
CA PRO C 73 -8.59 0.03 6.52
C PRO C 73 -7.08 0.27 6.69
N SER C 74 -6.28 -0.70 6.25
CA SER C 74 -4.85 -0.63 6.38
C SER C 74 -4.23 0.06 5.17
N VAL C 75 -3.23 0.85 5.41
CA VAL C 75 -2.43 1.45 4.33
C VAL C 75 -0.95 1.04 4.49
N GLY C 76 -0.71 -0.07 5.22
CA GLY C 76 0.56 -0.78 5.20
C GLY C 76 1.29 -0.59 6.52
N GLY C 77 2.55 -0.13 6.47
CA GLY C 77 3.34 0.17 7.72
C GLY C 77 4.00 1.51 7.56
N VAL C 78 4.61 2.03 8.63
CA VAL C 78 5.11 3.42 8.67
C VAL C 78 6.30 3.66 7.71
N GLN C 79 7.14 2.62 7.48
CA GLN C 79 8.22 2.64 6.50
C GLN C 79 7.83 1.89 5.21
N GLN C 80 6.71 1.13 5.24
CA GLN C 80 6.23 0.27 4.14
C GLN C 80 4.80 0.70 3.76
N VAL C 81 4.71 1.82 3.09
CA VAL C 81 3.44 2.43 2.80
C VAL C 81 2.87 1.77 1.57
N ASP C 82 1.59 1.43 1.61
CA ASP C 82 0.86 0.84 0.47
C ASP C 82 0.13 1.94 -0.31
N PHE C 83 0.73 2.43 -1.38
CA PHE C 83 0.17 3.52 -2.16
C PHE C 83 -1.15 3.20 -2.85
N GLU C 84 -1.28 1.96 -3.31
CA GLU C 84 -2.49 1.55 -4.00
C GLU C 84 -3.66 1.61 -3.01
N ALA C 85 -3.45 1.24 -1.77
CA ALA C 85 -4.52 1.24 -0.77
C ALA C 85 -4.93 2.66 -0.36
N ILE C 86 -3.92 3.53 -0.23
CA ILE C 86 -4.14 4.93 0.06
C ILE C 86 -4.97 5.49 -1.08
N ASN C 87 -4.50 5.27 -2.30
CA ASN C 87 -5.23 5.80 -3.46
C ASN C 87 -6.69 5.26 -3.52
N ALA C 88 -6.92 3.98 -3.30
CA ALA C 88 -8.27 3.45 -3.35
C ALA C 88 -9.22 4.05 -2.31
N LEU C 89 -8.67 4.46 -1.16
CA LEU C 89 -9.48 5.05 -0.07
C LEU C 89 -9.94 6.46 -0.41
N LYS C 90 -9.22 7.13 -1.33
CA LYS C 90 -9.50 8.54 -1.79
C LYS C 90 -9.62 9.54 -0.70
N PRO C 91 -8.55 9.66 0.06
CA PRO C 91 -8.58 10.51 1.25
C PRO C 91 -8.59 11.99 0.94
N ASP C 92 -9.16 12.81 1.82
CA ASP C 92 -9.08 14.26 1.60
C ASP C 92 -7.83 14.83 2.29
N LEU C 93 -7.13 14.03 3.10
CA LEU C 93 -5.90 14.45 3.81
C LEU C 93 -5.05 13.26 4.18
N ILE C 94 -3.72 13.36 3.99
CA ILE C 94 -2.75 12.43 4.45
C ILE C 94 -1.83 13.15 5.41
N ILE C 95 -1.63 12.57 6.58
CA ILE C 95 -0.74 13.13 7.58
C ILE C 95 0.46 12.20 7.81
N ILE C 96 1.68 12.79 7.72
CA ILE C 96 2.90 12.06 7.79
C ILE C 96 3.86 12.70 8.76
N SER C 97 4.84 11.92 9.18
CA SER C 97 5.96 12.36 9.98
C SER C 97 7.21 12.25 9.20
N GLY C 98 8.35 12.56 9.84
CA GLY C 98 9.69 12.40 9.19
C GLY C 98 9.92 11.02 8.57
N ARG C 99 9.43 9.98 9.21
CA ARG C 99 9.49 8.61 8.66
C ARG C 99 8.96 8.43 7.24
N GLN C 100 7.97 9.28 6.82
CA GLN C 100 7.42 9.24 5.47
C GLN C 100 7.76 10.36 4.61
N SER C 101 8.66 11.23 5.05
CA SER C 101 9.04 12.30 4.13
C SER C 101 9.70 11.78 2.83
N LYS C 102 10.30 10.59 2.85
CA LYS C 102 10.73 9.91 1.62
C LYS C 102 9.56 9.64 0.67
N PHE C 103 8.32 9.58 1.14
CA PHE C 103 7.22 9.29 0.25
C PHE C 103 6.43 10.50 -0.19
N TYR C 104 6.87 11.71 0.18
CA TYR C 104 6.00 12.90 0.12
C TYR C 104 5.42 13.16 -1.22
N ASP C 105 6.30 13.11 -2.23
CA ASP C 105 5.89 13.43 -3.60
C ASP C 105 4.79 12.53 -4.14
N LYS C 106 4.96 11.22 -3.98
CA LYS C 106 3.91 10.30 -4.39
C LYS C 106 2.60 10.49 -3.53
N LEU C 107 2.73 10.70 -2.24
CA LEU C 107 1.51 10.87 -1.39
C LEU C 107 0.71 12.11 -1.84
N LYS C 108 1.44 13.14 -2.17
CA LYS C 108 0.89 14.40 -2.55
C LYS C 108 0.17 14.35 -3.85
N GLU C 109 0.58 13.46 -4.75
CA GLU C 109 -0.22 13.22 -5.95
C GLU C 109 -1.55 12.60 -5.62
N ILE C 110 -1.68 11.90 -4.48
CA ILE C 110 -2.97 11.37 -4.10
C ILE C 110 -3.88 12.40 -3.41
N ALA C 111 -3.38 13.14 -2.43
CA ALA C 111 -4.18 14.08 -1.65
C ALA C 111 -3.27 15.08 -0.99
N PRO C 112 -3.82 16.18 -0.51
CA PRO C 112 -2.98 17.05 0.29
C PRO C 112 -2.35 16.30 1.49
N THR C 113 -1.11 16.65 1.78
CA THR C 113 -0.24 15.85 2.61
C THR C 113 0.42 16.81 3.63
N LEU C 114 0.05 16.66 4.90
CA LEU C 114 0.53 17.47 5.99
C LEU C 114 1.66 16.79 6.73
N PHE C 115 2.74 17.52 6.94
CA PHE C 115 3.90 17.07 7.64
C PHE C 115 3.82 17.56 9.03
N VAL C 116 3.80 16.63 9.99
CA VAL C 116 3.87 16.96 11.40
C VAL C 116 5.17 16.35 11.96
N GLY C 117 6.29 16.73 11.38
CA GLY C 117 7.58 16.59 11.98
C GLY C 117 7.79 17.12 13.37
N LEU C 118 8.47 16.33 14.17
CA LEU C 118 8.96 16.81 15.46
C LEU C 118 10.41 17.29 15.39
N ASP C 119 10.62 18.55 15.72
CA ASP C 119 11.94 19.14 15.71
C ASP C 119 12.67 18.78 16.99
N ASN C 120 13.74 17.98 16.84
CA ASN C 120 14.60 17.52 17.94
C ASN C 120 15.26 18.68 18.70
N ALA C 121 15.52 19.80 18.04
CA ALA C 121 16.11 20.92 18.75
C ALA C 121 15.03 21.71 19.49
N ASN C 122 13.76 21.51 19.17
CA ASN C 122 12.69 22.34 19.71
C ASN C 122 11.45 21.52 19.93
N PHE C 123 11.60 20.54 20.81
CA PHE C 123 10.62 19.48 20.94
C PHE C 123 9.25 20.00 21.30
N LEU C 124 9.18 20.73 22.37
CA LEU C 124 7.92 21.10 22.91
C LEU C 124 7.14 22.13 22.04
N SER C 125 7.84 23.09 21.45
CA SER C 125 7.16 24.01 20.59
C SER C 125 6.76 23.32 19.29
N SER C 126 7.53 22.36 18.77
CA SER C 126 7.05 21.62 17.59
C SER C 126 5.81 20.81 17.96
N PHE C 127 5.86 20.10 19.07
CA PHE C 127 4.70 19.28 19.52
C PHE C 127 3.43 20.10 19.57
N GLU C 128 3.50 21.23 20.29
CA GLU C 128 2.41 22.14 20.36
C GLU C 128 1.90 22.67 18.99
N ASN C 129 2.82 23.03 18.11
CA ASN C 129 2.47 23.50 16.78
C ASN C 129 1.80 22.38 15.93
N ASN C 130 2.26 21.13 16.07
CA ASN C 130 1.64 20.01 15.37
C ASN C 130 0.27 19.79 15.85
N VAL C 131 0.10 19.68 17.16
CA VAL C 131 -1.20 19.35 17.75
C VAL C 131 -2.23 20.47 17.53
N LEU C 132 -1.84 21.74 17.77
CA LEU C 132 -2.74 22.85 17.52
C LEU C 132 -3.11 23.02 16.05
N SER C 133 -2.18 22.75 15.16
CA SER C 133 -2.49 22.87 13.73
C SER C 133 -3.53 21.89 13.25
N VAL C 134 -3.38 20.64 13.71
CA VAL C 134 -4.41 19.64 13.46
C VAL C 134 -5.73 20.02 14.12
N ALA C 135 -5.70 20.38 15.37
CA ALA C 135 -6.91 20.81 16.01
C ALA C 135 -7.66 21.97 15.31
N LYS C 136 -6.93 22.92 14.74
CA LYS C 136 -7.50 24.06 14.14
C LYS C 136 -8.25 23.66 12.83
N LEU C 137 -7.85 22.58 12.17
CA LEU C 137 -8.66 21.98 11.08
C LEU C 137 -10.08 21.70 11.48
N TYR C 138 -10.29 21.32 12.73
CA TYR C 138 -11.61 20.93 13.24
C TYR C 138 -12.25 21.90 14.23
N GLY C 139 -11.64 23.05 14.43
CA GLY C 139 -12.19 24.03 15.39
C GLY C 139 -11.98 23.58 16.84
N LEU C 140 -10.97 22.75 17.10
CA LEU C 140 -10.80 22.20 18.44
C LEU C 140 -9.61 22.75 19.21
N GLU C 141 -9.14 23.95 18.88
CA GLU C 141 -7.97 24.53 19.54
C GLU C 141 -8.13 24.63 21.07
N LYS C 142 -9.30 25.00 21.53
CA LYS C 142 -9.48 25.18 22.98
C LYS C 142 -9.32 23.84 23.73
N GLU C 143 -9.85 22.77 23.17
CA GLU C 143 -9.69 21.41 23.73
C GLU C 143 -8.22 20.95 23.69
N ALA C 144 -7.55 21.17 22.55
CA ALA C 144 -6.13 20.85 22.42
C ALA C 144 -5.29 21.63 23.45
N LEU C 145 -5.59 22.92 23.63
CA LEU C 145 -4.82 23.74 24.60
C LEU C 145 -4.88 23.22 26.03
N GLU C 146 -6.03 22.70 26.47
CA GLU C 146 -6.14 22.12 27.81
C GLU C 146 -5.33 20.83 27.97
N LYS C 147 -5.31 20.01 26.96
CA LYS C 147 -4.52 18.76 26.97
C LYS C 147 -3.07 19.04 26.95
N ILE C 148 -2.68 20.13 26.27
CA ILE C 148 -1.28 20.56 26.26
C ILE C 148 -0.87 21.05 27.64
N SER C 149 -1.79 21.78 28.29
CA SER C 149 -1.54 22.19 29.68
C SER C 149 -1.37 21.03 30.60
N ASP C 150 -2.19 19.97 30.44
CA ASP C 150 -1.96 18.71 31.15
C ASP C 150 -0.56 18.12 30.95
N ILE C 151 -0.04 18.14 29.72
CA ILE C 151 1.34 17.67 29.47
C ILE C 151 2.33 18.55 30.18
N LYS C 152 2.14 19.85 30.14
CA LYS C 152 3.07 20.76 30.81
C LYS C 152 3.14 20.55 32.31
N ASN C 153 2.00 20.30 32.96
N ASN C 153 1.99 20.36 32.94
CA ASN C 153 1.97 19.96 34.41
CA ASN C 153 1.88 19.97 34.35
C ASN C 153 2.58 18.56 34.73
C ASN C 153 2.69 18.66 34.61
N GLU C 154 2.48 17.62 33.79
CA GLU C 154 3.19 16.33 33.92
C GLU C 154 4.72 16.48 33.80
N ILE C 155 5.16 17.38 32.94
CA ILE C 155 6.57 17.68 32.76
C ILE C 155 7.07 18.32 34.02
N GLU C 156 6.30 19.26 34.60
CA GLU C 156 6.76 19.82 35.88
C GLU C 156 6.90 18.81 36.99
N LYS C 157 5.93 17.91 37.13
CA LYS C 157 6.05 16.84 38.11
C LYS C 157 7.27 15.94 37.90
N ALA C 158 7.50 15.58 36.66
CA ALA C 158 8.59 14.70 36.34
C ALA C 158 9.95 15.35 36.68
N LYS C 159 10.15 16.61 36.31
CA LYS C 159 11.35 17.31 36.60
C LYS C 159 11.64 17.48 38.08
N SER C 160 10.57 17.55 38.87
CA SER C 160 10.71 17.81 40.27
C SER C 160 11.32 16.64 41.07
N ILE C 161 11.33 15.41 40.53
CA ILE C 161 11.88 14.28 41.31
C ILE C 161 13.23 13.87 40.78
N VAL C 162 13.79 14.65 39.87
CA VAL C 162 15.06 14.32 39.21
C VAL C 162 16.21 14.72 40.18
N ASP C 163 17.19 13.84 40.29
CA ASP C 163 18.37 14.02 41.10
C ASP C 163 19.38 14.66 40.17
N GLU C 164 19.66 15.94 40.38
CA GLU C 164 20.65 16.72 39.62
C GLU C 164 22.07 16.12 39.55
N ASP C 165 22.41 15.27 40.51
CA ASP C 165 23.74 14.63 40.53
C ASP C 165 23.87 13.39 39.64
N LYS C 166 22.77 12.74 39.26
CA LYS C 166 22.86 11.50 38.51
C LYS C 166 22.79 11.81 37.02
N LYS C 167 23.51 11.04 36.19
CA LYS C 167 23.63 11.31 34.78
C LYS C 167 23.19 10.09 34.00
N ALA C 168 22.71 10.35 32.80
CA ALA C 168 22.18 9.35 31.92
C ALA C 168 22.86 9.33 30.57
N LEU C 169 22.84 8.13 29.99
CA LEU C 169 23.18 7.88 28.62
C LEU C 169 22.01 7.20 27.92
N ILE C 170 21.74 7.65 26.72
CA ILE C 170 20.71 7.09 25.90
C ILE C 170 21.36 6.33 24.78
N ILE C 171 20.96 5.07 24.59
CA ILE C 171 21.41 4.30 23.48
C ILE C 171 20.33 3.60 22.74
N LEU C 172 20.62 3.27 21.51
CA LEU C 172 19.72 2.52 20.65
C LEU C 172 20.48 1.29 20.19
N THR C 173 19.81 0.14 20.19
CA THR C 173 20.40 -1.08 19.67
C THR C 173 19.74 -1.50 18.39
N ASN C 174 20.59 -1.85 17.44
CA ASN C 174 20.19 -2.31 16.13
C ASN C 174 21.18 -3.41 15.70
N SER C 175 20.62 -4.56 15.35
CA SER C 175 21.33 -5.81 15.26
C SER C 175 22.16 -5.93 16.55
N ASN C 176 23.46 -6.24 16.50
CA ASN C 176 24.29 -6.13 17.69
C ASN C 176 25.00 -4.82 17.92
N LYS C 177 24.62 -3.76 17.24
CA LYS C 177 25.34 -2.49 17.34
C LYS C 177 24.63 -1.54 18.30
N ILE C 178 25.43 -0.86 19.06
CA ILE C 178 24.99 0.21 19.96
C ILE C 178 25.33 1.62 19.43
N SER C 179 24.38 2.53 19.51
CA SER C 179 24.62 3.93 19.19
C SER C 179 24.12 4.79 20.28
N ALA C 180 24.79 5.90 20.52
CA ALA C 180 24.48 6.78 21.64
C ALA C 180 23.87 8.08 21.14
N PHE C 181 23.08 8.70 21.99
CA PHE C 181 22.29 9.89 21.65
C PHE C 181 22.39 10.80 22.84
N GLY C 182 22.35 12.09 22.59
CA GLY C 182 22.50 13.10 23.61
C GLY C 182 21.46 14.15 23.46
N PRO C 183 21.66 15.27 24.17
CA PRO C 183 20.87 16.52 24.03
C PRO C 183 20.60 16.88 22.55
N GLN C 184 19.35 17.27 22.26
CA GLN C 184 18.93 17.78 20.94
C GLN C 184 18.82 16.71 19.87
N SER C 185 18.93 15.43 20.24
CA SER C 185 18.88 14.30 19.31
C SER C 185 17.44 13.82 19.23
N ARG C 186 17.19 12.74 18.53
CA ARG C 186 15.82 12.17 18.45
C ARG C 186 15.22 11.64 19.77
N PHE C 187 16.03 11.42 20.80
CA PHE C 187 15.51 11.03 22.12
C PHE C 187 15.81 12.11 23.13
N GLY C 188 16.04 13.32 22.62
CA GLY C 188 16.54 14.45 23.39
C GLY C 188 15.62 14.95 24.47
N ILE C 189 14.33 14.58 24.42
CA ILE C 189 13.39 14.99 25.48
CA ILE C 189 13.37 14.94 25.46
C ILE C 189 13.81 14.53 26.87
N ILE C 190 14.49 13.40 26.98
CA ILE C 190 14.99 12.96 28.27
C ILE C 190 15.89 14.04 28.95
N HIS C 191 16.81 14.58 28.17
CA HIS C 191 17.73 15.65 28.62
C HIS C 191 17.16 17.09 28.48
N ASP C 192 16.44 17.39 27.41
CA ASP C 192 16.07 18.77 27.14
C ASP C 192 14.76 19.22 27.81
N VAL C 193 13.88 18.29 28.07
CA VAL C 193 12.57 18.64 28.58
C VAL C 193 12.39 18.08 29.96
N LEU C 194 12.84 16.85 30.16
CA LEU C 194 12.62 16.17 31.43
C LEU C 194 13.66 16.46 32.46
N GLY C 195 14.73 17.18 32.09
CA GLY C 195 15.70 17.67 33.08
C GLY C 195 16.70 16.63 33.58
N ILE C 196 16.88 15.51 32.90
CA ILE C 196 17.84 14.50 33.34
C ILE C 196 19.18 14.86 32.70
N ASN C 197 20.23 15.03 33.48
CA ASN C 197 21.53 15.43 32.88
C ASN C 197 22.17 14.34 32.06
N ALA C 198 22.86 14.71 31.02
CA ALA C 198 23.61 13.80 30.19
C ALA C 198 24.99 13.45 30.78
N VAL C 199 25.43 12.20 30.63
CA VAL C 199 26.80 11.84 31.00
C VAL C 199 27.81 12.48 30.08
N ASP C 200 27.46 12.62 28.80
CA ASP C 200 28.34 13.22 27.82
C ASP C 200 27.53 14.27 27.06
N GLU C 201 27.61 15.51 27.52
CA GLU C 201 27.02 16.64 26.77
C GLU C 201 27.59 16.79 25.35
N ASN C 202 28.85 16.38 25.13
CA ASN C 202 29.48 16.52 23.82
C ASN C 202 28.87 15.61 22.72
N ILE C 203 28.10 14.57 23.05
CA ILE C 203 27.36 13.81 22.02
C ILE C 203 26.30 14.74 21.40
N LYS C 204 26.50 15.11 20.14
CA LYS C 204 25.53 15.88 19.34
C LYS C 204 25.43 15.09 18.05
N VAL C 205 24.22 14.63 17.66
CA VAL C 205 24.12 13.58 16.62
C VAL C 205 22.82 13.58 15.80
N GLY C 206 22.97 12.98 14.60
CA GLY C 206 21.88 12.75 13.67
C GLY C 206 21.08 11.52 14.04
N THR C 207 19.98 11.33 13.32
CA THR C 207 19.06 10.20 13.49
C THR C 207 19.68 8.85 13.80
N LEU C 208 20.93 8.62 13.37
CA LEU C 208 21.56 7.28 13.43
C LEU C 208 22.30 7.06 14.76
N GLY C 209 22.75 8.16 15.39
CA GLY C 209 23.49 8.14 16.65
C GLY C 209 25.00 7.93 16.49
N LYS C 210 25.75 8.07 17.58
CA LYS C 210 27.20 7.82 17.59
C LYS C 210 27.53 6.36 17.88
N SER C 211 28.23 5.68 16.98
CA SER C 211 28.65 4.27 17.20
C SER C 211 29.51 4.16 18.41
N ILE C 212 29.17 3.25 19.32
CA ILE C 212 29.94 3.05 20.51
C ILE C 212 29.97 1.55 20.84
N ASN C 213 30.71 1.20 21.89
CA ASN C 213 30.76 -0.19 22.36
C ASN C 213 30.67 -0.21 23.86
N SER C 214 30.73 -1.39 24.47
CA SER C 214 30.57 -1.46 25.87
C SER C 214 31.68 -0.73 26.67
N GLU C 215 32.91 -0.74 26.17
CA GLU C 215 34.01 -0.01 26.83
C GLU C 215 33.68 1.45 27.05
N PHE C 216 33.02 2.06 26.08
CA PHE C 216 32.65 3.47 26.15
C PHE C 216 31.61 3.67 27.27
N ILE C 217 30.69 2.73 27.38
CA ILE C 217 29.64 2.87 28.38
C ILE C 217 30.27 2.84 29.77
N LEU C 218 31.21 1.94 29.98
CA LEU C 218 31.87 1.86 31.26
C LEU C 218 32.74 3.07 31.55
N GLU C 219 33.44 3.58 30.54
CA GLU C 219 34.27 4.75 30.77
C GLU C 219 33.38 5.91 31.21
N LYS C 220 32.21 6.09 30.57
CA LYS C 220 31.23 7.13 31.01
C LYS C 220 30.63 6.86 32.35
N ASN C 221 30.42 5.58 32.67
CA ASN C 221 29.86 5.17 33.94
C ASN C 221 28.55 5.89 34.35
N PRO C 222 27.54 5.81 33.49
CA PRO C 222 26.28 6.45 33.79
C PRO C 222 25.54 5.89 34.96
N ASP C 223 24.80 6.74 35.68
CA ASP C 223 23.83 6.30 36.66
C ASP C 223 22.53 5.67 36.07
N TYR C 224 22.12 6.15 34.90
CA TYR C 224 20.98 5.54 34.17
C TYR C 224 21.42 5.31 32.76
N ILE C 225 21.02 4.18 32.22
CA ILE C 225 21.09 3.96 30.80
C ILE C 225 19.66 3.73 30.24
N PHE C 226 19.24 4.57 29.32
CA PHE C 226 17.93 4.41 28.68
C PHE C 226 18.12 3.75 27.34
N VAL C 227 17.41 2.65 27.11
CA VAL C 227 17.70 1.81 25.99
C VAL C 227 16.51 1.77 25.08
N VAL C 228 16.73 2.06 23.81
CA VAL C 228 15.68 1.91 22.79
C VAL C 228 16.10 0.79 21.81
N ASP C 229 15.30 -0.28 21.74
CA ASP C 229 15.68 -1.46 20.98
C ASP C 229 14.92 -1.53 19.65
N ARG C 230 15.56 -1.05 18.60
CA ARG C 230 14.98 -1.15 17.25
C ARG C 230 14.68 -2.57 16.83
N ASN C 231 15.46 -3.53 17.33
CA ASN C 231 15.32 -4.98 17.00
C ASN C 231 13.94 -5.47 17.23
N VAL C 232 13.34 -4.97 18.31
CA VAL C 232 12.00 -5.34 18.64
C VAL C 232 10.99 -4.95 17.55
N ILE C 233 11.11 -3.74 17.03
CA ILE C 233 10.15 -3.25 16.02
C ILE C 233 10.33 -3.98 14.67
N LEU C 234 11.57 -4.16 14.28
CA LEU C 234 11.90 -4.78 12.99
C LEU C 234 11.80 -6.30 13.02
N GLY C 235 11.69 -6.90 14.19
CA GLY C 235 11.55 -8.32 14.25
C GLY C 235 12.91 -8.98 14.03
N ASN C 236 14.02 -8.31 14.36
CA ASN C 236 15.31 -8.99 14.35
C ASN C 236 15.45 -9.87 15.56
N LYS C 237 16.42 -10.76 15.45
CA LYS C 237 16.77 -11.75 16.48
C LYS C 237 17.38 -11.12 17.76
N GLU C 238 18.25 -10.13 17.55
CA GLU C 238 19.12 -9.64 18.57
C GLU C 238 18.24 -8.84 19.55
N ARG C 239 18.66 -8.84 20.81
CA ARG C 239 17.97 -8.06 21.84
C ARG C 239 18.97 -7.28 22.69
N ALA C 240 18.57 -6.06 23.04
CA ALA C 240 19.39 -5.21 23.87
C ALA C 240 19.82 -5.87 25.19
N GLN C 241 18.89 -6.61 25.77
CA GLN C 241 19.20 -7.33 27.02
C GLN C 241 20.41 -8.29 26.87
N GLY C 242 20.49 -8.97 25.72
CA GLY C 242 21.65 -9.78 25.36
C GLY C 242 22.93 -9.04 25.06
N ILE C 243 22.84 -8.00 24.24
CA ILE C 243 23.96 -7.11 23.95
C ILE C 243 24.61 -6.49 25.21
N LEU C 244 23.80 -6.03 26.17
CA LEU C 244 24.34 -5.38 27.36
C LEU C 244 24.65 -6.32 28.52
N ASP C 245 24.49 -7.64 28.31
CA ASP C 245 24.79 -8.65 29.34
C ASP C 245 26.24 -9.09 29.12
N ASN C 246 27.16 -8.28 29.62
CA ASN C 246 28.58 -8.52 29.47
C ASN C 246 29.19 -7.85 30.67
N ALA C 247 30.45 -8.19 30.92
CA ALA C 247 31.13 -7.82 32.14
C ALA C 247 31.48 -6.32 32.24
N LEU C 248 31.61 -5.63 31.11
CA LEU C 248 31.91 -4.19 31.19
C LEU C 248 30.66 -3.44 31.62
N VAL C 249 29.53 -3.72 30.99
CA VAL C 249 28.31 -3.01 31.42
C VAL C 249 27.91 -3.37 32.84
N ALA C 250 28.10 -4.64 33.23
CA ALA C 250 27.76 -5.08 34.58
C ALA C 250 28.45 -4.29 35.70
N LYS C 251 29.56 -3.65 35.41
CA LYS C 251 30.26 -2.80 36.40
C LYS C 251 29.75 -1.34 36.54
N THR C 252 28.93 -0.85 35.60
CA THR C 252 28.47 0.53 35.60
C THR C 252 27.55 0.70 36.75
N LYS C 253 27.45 1.94 37.20
CA LYS C 253 26.44 2.30 38.21
C LYS C 253 25.04 1.96 37.79
N ALA C 254 24.74 2.15 36.51
CA ALA C 254 23.41 1.87 36.06
C ALA C 254 23.08 0.36 36.24
N ALA C 255 24.00 -0.52 35.84
CA ALA C 255 23.76 -2.00 36.02
C ALA C 255 23.64 -2.41 37.47
N GLN C 256 24.49 -1.85 38.31
CA GLN C 256 24.50 -2.19 39.72
C GLN C 256 23.26 -1.75 40.41
N ASN C 257 22.70 -0.59 40.04
CA ASN C 257 21.49 -0.13 40.66
C ASN C 257 20.20 -0.48 39.90
N LYS C 258 20.26 -1.39 38.92
CA LYS C 258 19.09 -1.84 38.13
C LYS C 258 18.42 -0.66 37.42
N LYS C 259 19.27 0.20 36.85
CA LYS C 259 18.86 1.43 36.17
C LYS C 259 19.24 1.39 34.69
N ILE C 260 19.23 0.22 34.17
CA ILE C 260 19.22 -0.01 32.75
C ILE C 260 17.74 -0.13 32.32
N ILE C 261 17.24 0.89 31.61
CA ILE C 261 15.78 1.06 31.41
C ILE C 261 15.50 0.78 29.95
N TYR C 262 14.79 -0.31 29.69
CA TYR C 262 14.39 -0.74 28.32
C TYR C 262 13.07 -0.03 27.98
N LEU C 263 13.18 1.10 27.31
CA LEU C 263 12.02 1.92 26.98
C LEU C 263 11.19 1.20 25.92
N ASP C 264 9.87 1.28 26.01
CA ASP C 264 9.03 0.59 25.09
C ASP C 264 9.26 1.17 23.64
N PRO C 265 9.76 0.35 22.74
CA PRO C 265 10.07 0.89 21.38
C PRO C 265 8.86 1.24 20.52
N GLU C 266 7.69 0.74 20.89
CA GLU C 266 6.44 1.15 20.23
C GLU C 266 6.11 2.62 20.49
N TYR C 267 6.70 3.22 21.52
CA TYR C 267 6.55 4.63 21.79
C TYR C 267 7.77 5.33 21.31
N TRP C 268 8.95 4.81 21.64
CA TRP C 268 10.18 5.59 21.43
C TRP C 268 10.82 5.51 20.05
N TYR C 269 10.75 4.35 19.41
CA TYR C 269 11.33 4.22 18.07
C TYR C 269 10.31 4.64 17.05
N LEU C 270 9.08 4.15 17.19
CA LEU C 270 8.01 4.54 16.31
C LEU C 270 7.64 5.99 16.50
N ALA C 271 8.03 6.65 17.61
CA ALA C 271 7.88 8.11 17.63
C ALA C 271 6.35 8.51 17.56
N SER C 272 5.77 8.37 18.72
CA SER C 272 4.47 8.75 19.02
C SER C 272 4.50 9.99 19.85
N GLY C 273 5.55 10.81 19.71
CA GLY C 273 5.63 12.08 20.41
C GLY C 273 4.53 13.14 20.19
N ASN C 274 3.87 13.13 19.05
CA ASN C 274 2.76 14.02 18.74
C ASN C 274 1.44 13.58 19.38
N GLY C 275 1.46 12.51 20.16
CA GLY C 275 0.21 12.05 20.78
C GLY C 275 -0.03 12.73 22.10
N LEU C 276 -1.21 13.29 22.24
CA LEU C 276 -1.62 13.91 23.49
C LEU C 276 -1.68 12.94 24.69
N GLU C 277 -1.92 11.69 24.43
CA GLU C 277 -1.93 10.71 25.50
C GLU C 277 -0.62 9.92 25.48
N SER C 278 -0.11 9.59 24.30
CA SER C 278 1.08 8.83 24.19
C SER C 278 2.32 9.60 24.73
N LEU C 279 2.42 10.92 24.51
CA LEU C 279 3.53 11.69 25.09
C LEU C 279 3.47 11.66 26.62
N LYS C 280 2.29 11.69 27.17
CA LYS C 280 2.09 11.55 28.57
C LYS C 280 2.61 10.24 29.13
N THR C 281 2.32 9.15 28.44
CA THR C 281 2.77 7.84 28.84
C THR C 281 4.28 7.78 28.85
N MET C 282 4.88 8.37 27.82
CA MET C 282 6.35 8.39 27.74
C MET C 282 6.99 9.18 28.90
N ILE C 283 6.43 10.35 29.19
CA ILE C 283 6.88 11.19 30.32
C ILE C 283 6.80 10.39 31.62
N LEU C 284 5.67 9.72 31.83
CA LEU C 284 5.50 8.87 33.02
C LEU C 284 6.49 7.70 33.05
N GLU C 285 6.85 7.18 31.88
CA GLU C 285 7.80 6.09 31.83
C GLU C 285 9.18 6.52 32.34
N ILE C 286 9.63 7.71 31.92
CA ILE C 286 10.89 8.25 32.38
C ILE C 286 10.85 8.58 33.89
N LYS C 287 9.87 9.34 34.33
CA LYS C 287 9.72 9.71 35.73
C LYS C 287 9.71 8.47 36.61
N ASN C 288 8.92 7.47 36.26
CA ASN C 288 8.89 6.24 37.08
C ASN C 288 10.20 5.49 37.04
N ALA C 289 10.98 5.62 35.97
CA ALA C 289 12.25 4.94 35.89
C ALA C 289 13.27 5.58 36.86
N VAL C 290 13.17 6.88 37.09
CA VAL C 290 14.17 7.59 37.89
C VAL C 290 13.67 8.04 39.28
N LYS C 291 12.37 7.97 39.55
CA LYS C 291 11.81 8.23 40.88
C LYS C 291 12.67 7.58 41.97
FE FE D . -26.79 -5.49 -11.52
C1 5LC E . -25.06 -5.10 -7.68
C2 5LC E . -25.81 -5.47 -8.77
C3 5LC E . -26.28 -6.76 -8.93
C4 5LC E . -26.05 -7.69 -7.94
C5 5LC E . -25.32 -7.30 -6.79
C6 5LC E . -24.83 -6.02 -6.67
C7 5LC E . -26.68 -9.08 -8.03
N8 5LC E . -27.69 -9.22 -8.91
O9 5LC E . -26.31 -9.97 -7.26
C10 5LC E . -28.43 -10.42 -9.25
C11 5LC E . -29.93 -10.24 -9.49
C12 5LC E . -30.40 -9.24 -10.55
N14 5LC E . -31.25 -6.11 -11.09
C15 5LC E . -31.68 -4.87 -11.11
C16 5LC E . -30.74 -3.78 -11.63
O17 5LC E . -32.83 -4.58 -10.76
C18 5LC E . -29.41 -4.08 -11.77
C19 5LC E . -28.50 -3.17 -12.28
C20 5LC E . -28.92 -1.90 -12.63
C21 5LC E . -30.29 -1.57 -12.49
C22 5LC E . -31.20 -2.49 -11.99
O23 5LC E . -28.91 -5.32 -11.42
O24 5LC E . -27.20 -3.61 -12.42
C23 5LC E . -31.52 -8.37 -10.03
O25 5LC E . -26.95 -7.07 -10.08
C13 5LC E . -32.11 -7.28 -10.88
O26 5LC E . -26.05 -4.63 -9.79
FE FE F . 21.62 -21.98 -0.35
C1 5LC G . 24.28 -21.27 -3.45
C2 5LC G . 23.72 -21.57 -2.22
C3 5LC G . 24.35 -22.31 -1.29
C4 5LC G . 25.63 -22.77 -1.52
C5 5LC G . 26.27 -22.47 -2.74
C6 5LC G . 25.57 -21.71 -3.69
C7 5LC G . 26.39 -23.49 -0.44
N8 5LC G . 25.88 -23.63 0.79
O9 5LC G . 27.55 -23.72 -0.70
C10 5LC G . 26.71 -23.86 1.96
C11 5LC G . 26.06 -23.30 3.22
C12 5LC G . 25.83 -21.79 3.21
N14 5LC G . 23.38 -19.82 3.47
C15 5LC G . 22.60 -18.73 3.38
C16 5LC G . 21.45 -18.67 2.43
O17 5LC G . 22.78 -17.72 4.04
C18 5LC G . 21.30 -19.68 1.46
C19 5LC G . 20.25 -19.65 0.58
C20 5LC G . 19.36 -18.58 0.65
C21 5LC G . 19.49 -17.56 1.60
C22 5LC G . 20.52 -17.61 2.52
O23 5LC G . 22.16 -20.73 1.34
O24 5LC G . 20.16 -20.69 -0.31
C23 5LC G . 25.00 -21.40 4.45
O25 5LC G . 23.62 -22.55 -0.16
C13 5LC G . 24.52 -19.96 4.40
O26 5LC G . 22.49 -21.17 -1.84
FE FE H . 15.28 4.11 12.12
C1 5LC I . 18.83 3.83 14.11
C2 5LC I . 17.81 3.83 13.19
C3 5LC I . 17.91 3.06 12.08
C4 5LC I . 19.07 2.31 11.79
C5 5LC I . 20.11 2.31 12.73
C6 5LC I . 19.97 3.06 13.88
C7 5LC I . 19.26 1.49 10.52
N8 5LC I . 18.28 1.40 9.68
O9 5LC I . 20.35 1.04 10.31
C10 5LC I . 18.35 0.88 8.33
C11 5LC I . 18.13 2.11 7.45
C12 5LC I . 16.63 2.36 7.35
N14 5LC I . 14.79 4.93 7.79
C15 5LC I . 14.33 6.19 7.77
C16 5LC I . 14.01 6.82 9.10
O17 5LC I . 14.02 6.79 6.71
C18 5LC I . 14.20 6.07 10.30
C19 5LC I . 13.85 6.58 11.55
C20 5LC I . 13.36 7.91 11.65
C21 5LC I . 13.19 8.66 10.47
C22 5LC I . 13.50 8.14 9.20
O23 5LC I . 14.66 4.80 10.28
O24 5LC I . 14.05 5.73 12.62
C23 5LC I . 16.44 3.67 6.64
O25 5LC I . 16.82 3.12 11.26
C13 5LC I . 14.98 4.08 6.65
O26 5LC I . 16.70 4.52 13.37
#